data_3TV8
#
_entry.id   3TV8
#
_cell.length_a   90.465
_cell.length_b   90.465
_cell.length_c   216.544
_cell.angle_alpha   90.000
_cell.angle_beta   90.000
_cell.angle_gamma   120.000
#
_symmetry.space_group_name_H-M   'P 32 2 1'
#
loop_
_entity.id
_entity.type
_entity.pdbx_description
1 polymer 'Alpha-galactosidase A'
2 branched beta-D-mannopyranose-(1-4)-2-acetamido-2-deoxy-beta-D-glucopyranose-(1-4)-2-acetamido-2-deoxy-beta-D-glucopyranose
3 branched alpha-D-mannopyranose-(1-3)-beta-D-mannopyranose-(1-4)-2-acetamido-2-deoxy-beta-D-glucopyranose-(1-4)-2-acetamido-2-deoxy-beta-D-glucopyranose
4 non-polymer 2-acetamido-2-deoxy-beta-D-glucopyranose
5 non-polymer 'SULFATE ION'
6 non-polymer 'NONAETHYLENE GLYCOL'
7 non-polymer (2R,3S,4R,5S)-2-(hydroxymethyl)piperidine-3,4,5-triol
8 water water
#
_entity_poly.entity_id   1
_entity_poly.type   'polypeptide(L)'
_entity_poly.pdbx_seq_one_letter_code
;LDNGLARTPTMGWLHWERFMCNLDCQEEPDSCISEKLFMEMAELMVSEGWKDAGYEYLCIDDCWMAPQRDSEGRLQADPQ
RFPHGIRQLANYVHSKGLKLGIYADVGNKTCAGFPGSFGYYDIDAQTFADWGVDLLKFAGCYCDSLENLADGYKHMSLAL
NRTGRSIVYSCEWPLYMWPFQKPNYTEIRQYCNHWRNFADIDDSWKSIKSILDWTSFNQERIVDVAGPGGWNDPDMLVIG
NFGLSWNQQVTQMALWAIMAAPLFMSNDLRHISPQAKALLQDKDVIAINQDPLGKQGYQLRQGDNFEVWERPLSGLAWAV
AMINRQEIGGPRSYTIAVASLGKGVACNPACFITQLLPVKRKLGFYEWTSRLRSHINPTGTVLLQLENTMQMSLKDLLHH
HHHH
;
_entity_poly.pdbx_strand_id   A,B
#
loop_
_chem_comp.id
_chem_comp.type
_chem_comp.name
_chem_comp.formula
2PE non-polymer 'NONAETHYLENE GLYCOL' 'C18 H38 O10'
BMA D-saccharide, beta linking beta-D-mannopyranose 'C6 H12 O6'
DGJ non-polymer (2R,3S,4R,5S)-2-(hydroxymethyl)piperidine-3,4,5-triol 'C6 H13 N O4'
MAN D-saccharide, alpha linking alpha-D-mannopyranose 'C6 H12 O6'
NAG D-saccharide, beta linking 2-acetamido-2-deoxy-beta-D-glucopyranose 'C8 H15 N O6'
SO4 non-polymer 'SULFATE ION' 'O4 S -2'
#
# COMPACT_ATOMS: atom_id res chain seq x y z
N LEU A 1 -1.36 -33.70 11.24
CA LEU A 1 -0.40 -34.84 11.09
C LEU A 1 0.16 -35.18 12.46
N ASP A 2 -0.02 -36.45 12.86
CA ASP A 2 0.38 -36.91 14.18
C ASP A 2 1.86 -37.29 14.23
N ASN A 3 2.75 -36.33 13.96
CA ASN A 3 4.21 -36.59 14.02
C ASN A 3 4.95 -35.86 15.14
N GLY A 4 4.20 -35.27 16.08
CA GLY A 4 4.78 -34.54 17.20
C GLY A 4 5.41 -33.20 16.84
N LEU A 5 5.26 -32.77 15.59
CA LEU A 5 5.81 -31.50 15.11
C LEU A 5 4.70 -30.49 14.89
N ALA A 6 5.10 -29.22 14.71
CA ALA A 6 4.16 -28.12 14.51
C ALA A 6 3.03 -28.15 15.54
N ARG A 7 3.40 -28.30 16.81
CA ARG A 7 2.43 -28.24 17.90
C ARG A 7 1.97 -26.80 18.09
N THR A 8 2.77 -25.85 17.63
CA THR A 8 2.34 -24.49 17.43
C THR A 8 2.67 -24.15 15.98
N PRO A 9 2.09 -23.09 15.42
CA PRO A 9 2.38 -22.80 14.02
C PRO A 9 3.86 -22.61 13.77
N THR A 10 4.39 -23.28 12.75
CA THR A 10 5.79 -23.18 12.41
C THR A 10 6.22 -21.75 12.10
N MET A 11 7.37 -21.35 12.63
CA MET A 11 7.91 -20.01 12.40
C MET A 11 9.28 -20.09 11.73
N GLY A 12 9.49 -19.22 10.74
CA GLY A 12 10.77 -19.18 10.05
C GLY A 12 10.85 -18.20 8.89
N TRP A 13 11.73 -18.51 7.93
CA TRP A 13 12.02 -17.64 6.78
C TRP A 13 12.07 -18.47 5.50
N LEU A 14 11.37 -17.99 4.47
CA LEU A 14 11.25 -18.68 3.18
C LEU A 14 11.52 -17.70 2.04
N HIS A 15 12.32 -18.11 1.06
CA HIS A 15 12.92 -17.15 0.13
C HIS A 15 12.02 -16.64 -0.98
N TRP A 16 10.90 -17.33 -1.22
CA TRP A 16 10.20 -17.18 -2.49
C TRP A 16 9.73 -15.78 -2.84
N GLU A 17 8.91 -15.17 -1.98
CA GLU A 17 8.23 -13.93 -2.37
C GLU A 17 9.23 -12.83 -2.70
N ARG A 18 10.31 -12.76 -1.93
CA ARG A 18 11.29 -11.69 -2.07
C ARG A 18 12.36 -11.99 -3.15
N PHE A 19 12.81 -13.24 -3.24
CA PHE A 19 13.91 -13.61 -4.14
C PHE A 19 13.51 -14.46 -5.35
N MET A 20 12.33 -15.09 -5.28
CA MET A 20 11.76 -15.83 -6.42
C MET A 20 12.74 -16.81 -7.07
N CYS A 21 12.80 -16.83 -8.40
CA CYS A 21 13.63 -17.79 -9.13
C CYS A 21 14.77 -17.09 -9.85
N ASN A 22 15.47 -16.20 -9.15
CA ASN A 22 16.62 -15.50 -9.71
C ASN A 22 17.85 -16.44 -9.83
N LEU A 23 18.18 -16.81 -11.07
CA LEU A 23 19.30 -17.72 -11.34
C LEU A 23 20.53 -16.95 -11.80
N ASP A 24 20.41 -15.64 -11.91
CA ASP A 24 21.47 -14.80 -12.46
C ASP A 24 22.50 -14.39 -11.41
N CYS A 25 23.35 -15.33 -11.01
CA CYS A 25 24.39 -15.03 -10.04
C CYS A 25 25.53 -14.20 -10.61
N GLN A 26 25.67 -14.19 -11.93
CA GLN A 26 26.70 -13.40 -12.61
C GLN A 26 26.48 -11.89 -12.42
N GLU A 27 25.27 -11.42 -12.73
CA GLU A 27 24.95 -9.99 -12.66
C GLU A 27 24.48 -9.56 -11.28
N GLU A 28 23.84 -10.46 -10.53
CA GLU A 28 23.28 -10.12 -9.22
C GLU A 28 23.64 -11.18 -8.16
N PRO A 29 24.95 -11.27 -7.83
CA PRO A 29 25.45 -12.33 -6.96
C PRO A 29 24.89 -12.33 -5.53
N ASP A 30 24.36 -11.19 -5.08
CA ASP A 30 23.87 -11.07 -3.70
C ASP A 30 22.37 -11.37 -3.53
N SER A 31 21.65 -11.57 -4.64
CA SER A 31 20.22 -11.87 -4.57
C SER A 31 19.79 -13.11 -5.38
N CYS A 32 20.73 -13.78 -6.02
CA CYS A 32 20.43 -15.03 -6.73
C CYS A 32 20.28 -16.16 -5.71
N ILE A 33 19.51 -17.18 -6.08
CA ILE A 33 19.25 -18.30 -5.15
C ILE A 33 20.52 -19.13 -5.03
N SER A 34 21.24 -18.92 -3.94
CA SER A 34 22.55 -19.55 -3.75
C SER A 34 22.78 -19.97 -2.31
N GLU A 35 23.71 -20.91 -2.15
CA GLU A 35 24.30 -21.27 -0.86
C GLU A 35 24.70 -20.06 -0.02
N LYS A 36 25.24 -19.03 -0.67
CA LYS A 36 25.65 -17.81 0.04
C LYS A 36 24.45 -17.07 0.64
N LEU A 37 23.37 -16.94 -0.11
CA LEU A 37 22.19 -16.20 0.36
C LEU A 37 21.66 -16.79 1.66
N PHE A 38 21.52 -18.11 1.70
CA PHE A 38 21.00 -18.77 2.89
C PHE A 38 21.99 -18.73 4.05
N MET A 39 23.30 -18.72 3.74
CA MET A 39 24.32 -18.52 4.78
C MET A 39 24.11 -17.18 5.45
N GLU A 40 23.90 -16.14 4.63
CA GLU A 40 23.78 -14.79 5.15
C GLU A 40 22.53 -14.67 6.02
N MET A 41 21.42 -15.24 5.54
CA MET A 41 20.16 -15.21 6.30
C MET A 41 20.29 -16.00 7.59
N ALA A 42 20.97 -17.13 7.52
CA ALA A 42 21.19 -17.94 8.72
C ALA A 42 21.91 -17.10 9.77
N GLU A 43 23.05 -16.52 9.40
CA GLU A 43 23.83 -15.68 10.30
C GLU A 43 22.98 -14.55 10.89
N LEU A 44 22.23 -13.86 10.04
CA LEU A 44 21.42 -12.73 10.48
C LEU A 44 20.27 -13.19 11.38
N MET A 45 19.68 -14.35 11.07
CA MET A 45 18.64 -14.91 11.93
C MET A 45 19.13 -15.08 13.38
N VAL A 46 20.40 -15.44 13.54
CA VAL A 46 21.01 -15.54 14.88
C VAL A 46 21.35 -14.17 15.46
N SER A 47 22.16 -13.39 14.74
CA SER A 47 22.72 -12.16 15.30
C SER A 47 21.70 -11.03 15.50
N GLU A 48 20.59 -11.06 14.76
CA GLU A 48 19.61 -9.95 14.81
C GLU A 48 18.32 -10.26 15.58
N GLY A 49 18.29 -11.36 16.33
CA GLY A 49 17.19 -11.63 17.26
C GLY A 49 16.06 -12.51 16.77
N TRP A 50 16.15 -13.01 15.55
CA TRP A 50 15.04 -13.74 14.94
C TRP A 50 14.82 -15.11 15.60
N LYS A 51 15.90 -15.87 15.74
CA LYS A 51 15.86 -17.16 16.43
C LYS A 51 15.21 -17.00 17.82
N ASP A 52 15.69 -16.03 18.59
CA ASP A 52 15.19 -15.77 19.94
C ASP A 52 13.69 -15.44 19.95
N ALA A 53 13.24 -14.76 18.91
CA ALA A 53 11.83 -14.40 18.79
C ALA A 53 10.96 -15.61 18.46
N GLY A 54 11.58 -16.67 17.91
CA GLY A 54 10.86 -17.89 17.53
C GLY A 54 11.10 -18.36 16.10
N TYR A 55 11.68 -17.52 15.24
CA TYR A 55 11.88 -17.89 13.84
C TYR A 55 13.04 -18.90 13.74
N GLU A 56 12.66 -20.16 13.56
CA GLU A 56 13.56 -21.30 13.71
C GLU A 56 13.94 -22.00 12.39
N TYR A 57 13.01 -22.04 11.43
CA TYR A 57 13.22 -22.77 10.18
C TYR A 57 13.67 -21.89 9.03
N LEU A 58 14.87 -22.14 8.52
CA LEU A 58 15.41 -21.43 7.37
C LEU A 58 15.14 -22.30 6.14
N CYS A 59 14.21 -21.86 5.31
CA CYS A 59 13.64 -22.71 4.25
C CYS A 59 13.98 -22.24 2.85
N ILE A 60 14.39 -23.20 2.03
CA ILE A 60 14.66 -22.98 0.61
C ILE A 60 13.38 -23.34 -0.15
N ASP A 61 12.94 -22.45 -1.04
CA ASP A 61 11.78 -22.69 -1.90
C ASP A 61 12.27 -23.26 -3.23
N ASP A 62 11.51 -23.04 -4.32
CA ASP A 62 11.85 -23.57 -5.65
C ASP A 62 13.17 -23.00 -6.18
N CYS A 63 13.73 -23.66 -7.20
CA CYS A 63 14.91 -23.21 -7.95
C CYS A 63 16.24 -23.42 -7.23
N TRP A 64 16.34 -24.52 -6.49
CA TRP A 64 17.59 -24.92 -5.84
C TRP A 64 18.25 -26.10 -6.55
N MET A 65 17.48 -26.80 -7.38
CA MET A 65 17.91 -28.06 -7.99
C MET A 65 18.80 -27.86 -9.23
N ALA A 66 19.62 -28.88 -9.51
CA ALA A 66 20.26 -29.02 -10.81
C ALA A 66 19.19 -29.47 -11.83
N PRO A 67 19.40 -29.17 -13.12
CA PRO A 67 18.35 -29.51 -14.11
C PRO A 67 18.04 -31.01 -14.20
N GLN A 68 19.05 -31.85 -14.02
CA GLN A 68 18.90 -33.31 -14.06
C GLN A 68 19.05 -33.89 -12.66
N ARG A 69 18.54 -35.10 -12.47
CA ARG A 69 18.94 -35.96 -11.36
C ARG A 69 20.31 -36.54 -11.67
N ASP A 70 20.96 -37.12 -10.67
CA ASP A 70 22.23 -37.82 -10.91
C ASP A 70 21.99 -39.21 -11.49
N SER A 71 23.07 -39.96 -11.71
CA SER A 71 22.99 -41.28 -12.34
C SER A 71 22.38 -42.38 -11.43
N GLU A 72 22.03 -42.02 -10.20
CA GLU A 72 21.33 -42.91 -9.30
C GLU A 72 19.87 -42.49 -9.10
N GLY A 73 19.46 -41.43 -9.77
CA GLY A 73 18.09 -40.91 -9.67
C GLY A 73 17.80 -40.06 -8.43
N ARG A 74 18.83 -39.68 -7.68
CA ARG A 74 18.66 -38.78 -6.55
C ARG A 74 18.65 -37.33 -7.05
N LEU A 75 17.86 -36.49 -6.40
CA LEU A 75 17.88 -35.05 -6.67
C LEU A 75 19.25 -34.48 -6.28
N GLN A 76 19.71 -33.47 -7.01
CA GLN A 76 20.91 -32.72 -6.61
C GLN A 76 20.62 -31.23 -6.56
N ALA A 77 21.38 -30.53 -5.73
CA ALA A 77 21.39 -29.08 -5.74
C ALA A 77 22.25 -28.60 -6.89
N ASP A 78 21.95 -27.40 -7.40
CA ASP A 78 22.69 -26.84 -8.53
C ASP A 78 24.18 -26.74 -8.17
N PRO A 79 25.06 -27.34 -9.00
CA PRO A 79 26.49 -27.36 -8.71
C PRO A 79 27.17 -25.98 -8.54
N GLN A 80 26.78 -24.97 -9.30
CA GLN A 80 27.43 -23.65 -9.20
C GLN A 80 26.87 -22.81 -8.05
N ARG A 81 25.55 -22.80 -7.91
CA ARG A 81 24.88 -21.98 -6.91
C ARG A 81 24.90 -22.60 -5.51
N PHE A 82 24.95 -23.92 -5.45
CA PHE A 82 25.03 -24.67 -4.19
C PHE A 82 26.19 -25.67 -4.26
N PRO A 83 27.44 -25.16 -4.31
CA PRO A 83 28.61 -26.02 -4.55
C PRO A 83 28.85 -27.10 -3.49
N HIS A 84 28.52 -26.80 -2.24
CA HIS A 84 28.79 -27.77 -1.15
C HIS A 84 27.66 -28.77 -0.92
N GLY A 85 26.49 -28.52 -1.49
CA GLY A 85 25.35 -29.44 -1.41
C GLY A 85 24.48 -29.13 -0.20
N ILE A 86 23.26 -29.67 -0.23
CA ILE A 86 22.26 -29.36 0.78
C ILE A 86 22.65 -29.89 2.17
N ARG A 87 23.18 -31.11 2.22
CA ARG A 87 23.57 -31.71 3.50
C ARG A 87 24.56 -30.81 4.23
N GLN A 88 25.57 -30.32 3.51
CA GLN A 88 26.55 -29.38 4.07
C GLN A 88 25.89 -28.09 4.54
N LEU A 89 24.91 -27.62 3.78
CA LEU A 89 24.16 -26.43 4.17
C LEU A 89 23.32 -26.68 5.42
N ALA A 90 22.84 -27.91 5.58
CA ALA A 90 22.08 -28.31 6.76
C ALA A 90 22.99 -28.36 7.98
N ASN A 91 24.19 -28.91 7.82
CA ASN A 91 25.17 -28.89 8.89
C ASN A 91 25.38 -27.47 9.41
N TYR A 92 25.60 -26.54 8.48
CA TYR A 92 25.83 -25.14 8.84
C TYR A 92 24.66 -24.55 9.61
N VAL A 93 23.46 -24.76 9.09
CA VAL A 93 22.26 -24.23 9.69
C VAL A 93 22.05 -24.81 11.09
N HIS A 94 22.35 -26.09 11.28
CA HIS A 94 22.22 -26.74 12.60
C HIS A 94 23.26 -26.24 13.60
N SER A 95 24.45 -25.89 13.11
CA SER A 95 25.49 -25.38 14.00
C SER A 95 25.11 -24.01 14.57
N LYS A 96 24.23 -23.29 13.87
CA LYS A 96 23.68 -22.02 14.34
C LYS A 96 22.43 -22.21 15.21
N GLY A 97 22.01 -23.46 15.43
CA GLY A 97 20.81 -23.74 16.23
C GLY A 97 19.50 -23.66 15.45
N LEU A 98 19.58 -23.55 14.14
CA LEU A 98 18.41 -23.40 13.28
C LEU A 98 18.08 -24.74 12.61
N LYS A 99 16.98 -24.76 11.86
CA LYS A 99 16.54 -25.95 11.13
C LYS A 99 16.39 -25.61 9.65
N LEU A 100 16.49 -26.61 8.79
CA LEU A 100 16.49 -26.38 7.33
C LEU A 100 15.27 -26.94 6.64
N GLY A 101 14.66 -26.08 5.83
CA GLY A 101 13.56 -26.48 4.97
C GLY A 101 14.00 -26.54 3.52
N ILE A 102 13.48 -27.53 2.79
CA ILE A 102 13.72 -27.64 1.36
C ILE A 102 12.36 -27.78 0.65
N TYR A 103 12.39 -27.77 -0.68
CA TYR A 103 11.18 -27.68 -1.51
C TYR A 103 11.16 -28.78 -2.56
N ALA A 104 9.97 -29.28 -2.88
CA ALA A 104 9.81 -30.33 -3.90
C ALA A 104 8.39 -30.31 -4.45
N ASP A 105 8.15 -31.05 -5.52
CA ASP A 105 6.85 -31.02 -6.19
C ASP A 105 6.29 -32.42 -6.44
N VAL A 106 5.02 -32.59 -6.10
CA VAL A 106 4.34 -33.87 -6.22
C VAL A 106 4.21 -34.32 -7.68
N GLY A 107 4.22 -33.37 -8.61
CA GLY A 107 4.05 -33.66 -10.03
C GLY A 107 5.33 -34.06 -10.78
N ASN A 108 5.29 -33.90 -12.10
CA ASN A 108 6.39 -34.28 -12.99
C ASN A 108 7.49 -33.22 -13.08
N LYS A 109 7.16 -31.96 -12.73
CA LYS A 109 8.16 -30.91 -12.59
C LYS A 109 7.78 -29.98 -11.43
N THR A 110 8.77 -29.27 -10.90
CA THR A 110 8.47 -28.18 -9.98
C THR A 110 7.85 -27.04 -10.79
N CYS A 111 7.18 -26.12 -10.10
CA CYS A 111 6.53 -25.00 -10.79
C CYS A 111 7.51 -24.21 -11.67
N ALA A 112 8.77 -24.16 -11.27
CA ALA A 112 9.80 -23.43 -12.04
C ALA A 112 10.48 -24.27 -13.14
N GLY A 113 10.13 -25.55 -13.25
CA GLY A 113 10.58 -26.39 -14.38
C GLY A 113 11.67 -27.41 -14.08
N PHE A 114 11.99 -27.58 -12.80
CA PHE A 114 13.06 -28.48 -12.36
C PHE A 114 12.45 -29.84 -11.99
N PRO A 115 13.29 -30.85 -11.74
CA PRO A 115 12.77 -32.22 -11.54
C PRO A 115 11.68 -32.35 -10.47
N GLY A 116 10.54 -32.91 -10.87
CA GLY A 116 9.46 -33.22 -9.94
C GLY A 116 9.75 -34.53 -9.25
N SER A 117 8.89 -34.90 -8.30
CA SER A 117 9.14 -36.07 -7.46
C SER A 117 8.25 -37.25 -7.79
N PHE A 118 7.26 -37.04 -8.65
CA PHE A 118 6.41 -38.11 -9.13
C PHE A 118 7.26 -39.32 -9.57
N GLY A 119 6.97 -40.48 -8.99
CA GLY A 119 7.71 -41.70 -9.28
C GLY A 119 9.04 -41.84 -8.54
N TYR A 120 9.37 -40.86 -7.71
CA TYR A 120 10.59 -40.90 -6.91
C TYR A 120 10.33 -40.58 -5.43
N TYR A 121 9.07 -40.72 -4.98
CA TYR A 121 8.68 -40.26 -3.65
C TYR A 121 9.53 -40.85 -2.52
N ASP A 122 9.72 -42.16 -2.54
CA ASP A 122 10.51 -42.85 -1.50
C ASP A 122 11.99 -42.51 -1.61
N ILE A 123 12.49 -42.31 -2.82
CA ILE A 123 13.89 -41.97 -3.03
C ILE A 123 14.16 -40.55 -2.51
N ASP A 124 13.27 -39.62 -2.84
CA ASP A 124 13.44 -38.22 -2.48
C ASP A 124 13.32 -37.99 -0.98
N ALA A 125 12.32 -38.63 -0.37
CA ALA A 125 12.14 -38.57 1.08
C ALA A 125 13.43 -38.98 1.80
N GLN A 126 14.00 -40.11 1.38
CA GLN A 126 15.21 -40.63 2.00
C GLN A 126 16.39 -39.70 1.77
N THR A 127 16.53 -39.17 0.55
CA THR A 127 17.61 -38.22 0.28
C THR A 127 17.48 -37.03 1.22
N PHE A 128 16.26 -36.50 1.36
CA PHE A 128 16.03 -35.36 2.25
C PHE A 128 16.40 -35.71 3.70
N ALA A 129 16.07 -36.92 4.13
CA ALA A 129 16.43 -37.36 5.49
C ALA A 129 17.94 -37.49 5.65
N ASP A 130 18.59 -38.07 4.64
CA ASP A 130 20.03 -38.26 4.67
C ASP A 130 20.75 -36.91 4.70
N TRP A 131 20.19 -35.92 4.01
CA TRP A 131 20.77 -34.57 4.00
C TRP A 131 20.61 -33.82 5.31
N GLY A 132 19.70 -34.25 6.17
CA GLY A 132 19.45 -33.58 7.44
C GLY A 132 18.42 -32.47 7.33
N VAL A 133 17.59 -32.54 6.30
CA VAL A 133 16.48 -31.59 6.12
C VAL A 133 15.52 -31.72 7.30
N ASP A 134 14.89 -30.62 7.67
CA ASP A 134 13.96 -30.61 8.79
C ASP A 134 12.53 -30.24 8.38
N LEU A 135 12.34 -29.72 7.17
CA LEU A 135 11.01 -29.33 6.69
C LEU A 135 10.92 -29.48 5.17
N LEU A 136 9.75 -29.86 4.67
CA LEU A 136 9.53 -29.98 3.22
C LEU A 136 8.29 -29.23 2.78
N LYS A 137 8.48 -28.23 1.93
CA LYS A 137 7.37 -27.61 1.22
C LYS A 137 7.15 -28.39 -0.07
N PHE A 138 5.95 -28.93 -0.22
CA PHE A 138 5.64 -29.85 -1.32
C PHE A 138 4.53 -29.30 -2.20
N ALA A 139 4.92 -28.76 -3.36
CA ALA A 139 4.00 -28.04 -4.24
C ALA A 139 3.23 -28.99 -5.19
N GLY A 140 2.28 -28.44 -5.94
CA GLY A 140 1.35 -29.26 -6.74
C GLY A 140 1.29 -29.01 -8.23
N CYS A 141 2.27 -28.29 -8.80
CA CYS A 141 2.30 -28.01 -10.24
C CYS A 141 2.58 -29.27 -11.06
N TYR A 142 2.20 -29.22 -12.34
CA TYR A 142 2.40 -30.33 -13.29
C TYR A 142 1.91 -31.67 -12.76
N CYS A 143 0.69 -31.64 -12.21
CA CYS A 143 -0.02 -32.84 -11.81
C CYS A 143 -1.38 -32.84 -12.50
N ASP A 144 -1.55 -33.88 -13.33
CA ASP A 144 -2.56 -33.93 -14.38
C ASP A 144 -3.91 -34.50 -13.96
N SER A 145 -3.99 -35.04 -12.73
CA SER A 145 -5.24 -35.59 -12.21
C SER A 145 -5.35 -35.44 -10.68
N LEU A 146 -6.59 -35.38 -10.20
CA LEU A 146 -6.87 -35.29 -8.76
C LEU A 146 -6.43 -36.55 -8.02
N GLU A 147 -6.60 -37.71 -8.65
CA GLU A 147 -6.22 -38.98 -8.04
C GLU A 147 -4.72 -39.02 -7.74
N ASN A 148 -3.89 -38.68 -8.74
CA ASN A 148 -2.44 -38.71 -8.56
C ASN A 148 -1.93 -37.62 -7.62
N LEU A 149 -2.63 -36.48 -7.61
CA LEU A 149 -2.39 -35.45 -6.62
C LEU A 149 -2.55 -36.02 -5.21
N ALA A 150 -3.74 -36.55 -4.91
CA ALA A 150 -4.01 -37.13 -3.59
C ALA A 150 -3.04 -38.27 -3.28
N ASP A 151 -2.89 -39.21 -4.21
CA ASP A 151 -1.95 -40.32 -4.06
C ASP A 151 -0.54 -39.85 -3.71
N GLY A 152 -0.06 -38.83 -4.42
CA GLY A 152 1.29 -38.32 -4.23
C GLY A 152 1.51 -37.68 -2.87
N TYR A 153 0.56 -36.84 -2.46
CA TYR A 153 0.63 -36.19 -1.15
C TYR A 153 0.60 -37.23 -0.02
N LYS A 154 -0.29 -38.21 -0.13
CA LYS A 154 -0.36 -39.31 0.85
C LYS A 154 0.93 -40.12 0.86
N HIS A 155 1.39 -40.52 -0.32
CA HIS A 155 2.59 -41.36 -0.46
C HIS A 155 3.80 -40.69 0.20
N MET A 156 4.07 -39.44 -0.19
CA MET A 156 5.21 -38.69 0.34
C MET A 156 5.12 -38.55 1.85
N SER A 157 3.91 -38.34 2.37
CA SER A 157 3.70 -38.20 3.81
C SER A 157 4.24 -39.42 4.52
N LEU A 158 3.82 -40.59 4.03
CA LEU A 158 4.24 -41.86 4.61
C LEU A 158 5.73 -42.10 4.36
N ALA A 159 6.22 -41.69 3.19
CA ALA A 159 7.63 -41.87 2.84
C ALA A 159 8.53 -41.09 3.79
N LEU A 160 8.14 -39.86 4.11
CA LEU A 160 8.86 -39.05 5.09
C LEU A 160 8.86 -39.74 6.45
N ASN A 161 7.67 -40.12 6.92
CA ASN A 161 7.53 -40.86 8.18
C ASN A 161 8.49 -42.05 8.28
N ARG A 162 8.62 -42.80 7.19
CA ARG A 162 9.37 -44.04 7.22
C ARG A 162 10.88 -43.86 7.27
N THR A 163 11.37 -42.67 6.95
CA THR A 163 12.81 -42.36 7.10
C THR A 163 13.23 -42.33 8.56
N GLY A 164 12.29 -42.17 9.47
CA GLY A 164 12.59 -42.06 10.90
C GLY A 164 13.08 -40.69 11.36
N ARG A 165 13.29 -39.75 10.44
CA ARG A 165 13.64 -38.38 10.81
C ARG A 165 12.40 -37.51 10.96
N SER A 166 12.48 -36.57 11.90
CA SER A 166 11.42 -35.59 12.11
C SER A 166 11.47 -34.50 11.05
N ILE A 167 10.44 -34.47 10.19
CA ILE A 167 10.36 -33.52 9.08
C ILE A 167 8.96 -32.89 8.97
N VAL A 168 8.87 -31.59 9.26
CA VAL A 168 7.64 -30.83 9.09
C VAL A 168 7.20 -30.88 7.62
N TYR A 169 5.98 -31.34 7.38
CA TYR A 169 5.49 -31.55 6.03
C TYR A 169 4.45 -30.49 5.65
N SER A 170 4.87 -29.61 4.74
CA SER A 170 4.07 -28.47 4.32
C SER A 170 3.46 -28.77 2.95
N CYS A 171 2.13 -28.91 2.92
CA CYS A 171 1.42 -29.33 1.72
C CYS A 171 0.74 -28.19 0.98
N GLU A 172 0.61 -28.34 -0.34
CA GLU A 172 -0.21 -27.43 -1.13
C GLU A 172 -1.39 -28.19 -1.74
N TRP A 173 -1.71 -29.33 -1.13
CA TRP A 173 -2.78 -30.21 -1.56
C TRP A 173 -4.12 -29.48 -1.79
N PRO A 174 -4.66 -28.80 -0.76
CA PRO A 174 -5.99 -28.21 -0.98
C PRO A 174 -6.02 -27.15 -2.09
N LEU A 175 -4.99 -26.30 -2.14
CA LEU A 175 -4.90 -25.26 -3.17
C LEU A 175 -5.14 -25.80 -4.58
N TYR A 176 -4.50 -26.92 -4.92
CA TYR A 176 -4.56 -27.42 -6.30
C TYR A 176 -5.79 -28.30 -6.61
N MET A 177 -6.49 -28.80 -5.59
CA MET A 177 -7.74 -29.52 -5.86
C MET A 177 -8.98 -28.63 -5.72
N TRP A 178 -8.84 -27.44 -5.14
CA TRP A 178 -9.96 -26.51 -4.90
C TRP A 178 -10.78 -26.16 -6.14
N PRO A 179 -10.12 -25.87 -7.28
CA PRO A 179 -10.89 -25.49 -8.47
C PRO A 179 -11.81 -26.59 -9.04
N PHE A 180 -11.54 -27.85 -8.70
CA PHE A 180 -12.25 -28.99 -9.28
C PHE A 180 -13.18 -29.71 -8.29
N GLN A 181 -12.71 -29.86 -7.05
CA GLN A 181 -13.43 -30.63 -6.03
C GLN A 181 -13.19 -29.99 -4.65
N LYS A 182 -14.24 -29.92 -3.83
CA LYS A 182 -14.10 -29.44 -2.45
C LYS A 182 -13.22 -30.41 -1.66
N PRO A 183 -12.22 -29.89 -0.92
CA PRO A 183 -11.29 -30.79 -0.20
C PRO A 183 -11.85 -31.36 1.10
N ASN A 184 -11.42 -32.57 1.46
CA ASN A 184 -11.72 -33.17 2.77
C ASN A 184 -10.58 -32.84 3.70
N TYR A 185 -10.80 -31.83 4.55
CA TYR A 185 -9.77 -31.31 5.43
C TYR A 185 -9.39 -32.28 6.55
N THR A 186 -10.31 -33.15 6.93
CA THR A 186 -10.01 -34.22 7.88
C THR A 186 -8.89 -35.12 7.32
N GLU A 187 -8.98 -35.44 6.04
CA GLU A 187 -7.98 -36.25 5.35
C GLU A 187 -6.64 -35.51 5.23
N ILE A 188 -6.69 -34.24 4.83
CA ILE A 188 -5.48 -33.45 4.63
C ILE A 188 -4.70 -33.34 5.94
N ARG A 189 -5.41 -32.98 7.01
CA ARG A 189 -4.83 -32.92 8.36
C ARG A 189 -4.17 -34.24 8.77
N GLN A 190 -4.76 -35.35 8.35
CA GLN A 190 -4.24 -36.68 8.68
C GLN A 190 -2.83 -36.87 8.11
N TYR A 191 -2.53 -36.17 7.00
CA TYR A 191 -1.26 -36.34 6.29
C TYR A 191 -0.28 -35.13 6.32
N CYS A 192 -0.75 -33.96 6.72
CA CYS A 192 0.03 -32.72 6.59
C CYS A 192 0.10 -31.89 7.89
N ASN A 193 1.24 -31.23 8.11
CA ASN A 193 1.45 -30.36 9.28
C ASN A 193 0.86 -28.96 9.08
N HIS A 194 0.95 -28.48 7.83
CA HIS A 194 0.13 -27.35 7.38
C HIS A 194 -0.10 -27.38 5.89
N TRP A 195 -1.08 -26.58 5.44
CA TRP A 195 -1.54 -26.66 4.06
C TRP A 195 -1.93 -25.31 3.50
N ARG A 196 -1.37 -24.97 2.34
CA ARG A 196 -1.75 -23.79 1.60
C ARG A 196 -3.16 -23.96 1.01
N ASN A 197 -4.03 -22.99 1.27
CA ASN A 197 -5.42 -23.02 0.78
C ASN A 197 -5.65 -22.16 -0.46
N PHE A 198 -4.85 -21.10 -0.63
CA PHE A 198 -5.18 -20.02 -1.56
C PHE A 198 -3.96 -19.57 -2.34
N ALA A 199 -4.20 -18.78 -3.39
CA ALA A 199 -3.19 -18.29 -4.32
C ALA A 199 -1.97 -17.65 -3.65
N ASP A 200 -0.83 -17.74 -4.33
CA ASP A 200 0.42 -17.17 -3.86
C ASP A 200 0.23 -15.70 -3.47
N ILE A 201 0.76 -15.34 -2.30
CA ILE A 201 0.77 -13.96 -1.87
C ILE A 201 1.77 -13.19 -2.73
N ASP A 202 1.62 -11.87 -2.74
CA ASP A 202 2.67 -10.99 -3.25
C ASP A 202 2.74 -9.70 -2.43
N ASP A 203 3.57 -8.76 -2.86
CA ASP A 203 3.90 -7.59 -2.06
C ASP A 203 2.87 -6.50 -2.30
N SER A 204 1.62 -6.78 -1.95
CA SER A 204 0.53 -5.82 -2.13
C SER A 204 -0.58 -5.98 -1.09
N TRP A 205 -1.22 -4.85 -0.79
CA TRP A 205 -2.41 -4.79 0.07
C TRP A 205 -3.58 -5.53 -0.57
N LYS A 206 -3.66 -5.48 -1.90
CA LYS A 206 -4.69 -6.23 -2.63
C LYS A 206 -4.64 -7.71 -2.30
N SER A 207 -3.43 -8.25 -2.25
CA SER A 207 -3.23 -9.66 -2.02
C SER A 207 -3.60 -10.03 -0.58
N ILE A 208 -3.27 -9.16 0.37
CA ILE A 208 -3.66 -9.38 1.78
C ILE A 208 -5.17 -9.45 1.90
N LYS A 209 -5.87 -8.45 1.37
CA LYS A 209 -7.33 -8.42 1.41
C LYS A 209 -7.94 -9.71 0.86
N SER A 210 -7.43 -10.14 -0.28
CA SER A 210 -7.94 -11.31 -0.97
C SER A 210 -7.83 -12.56 -0.11
N ILE A 211 -6.69 -12.70 0.57
CA ILE A 211 -6.47 -13.83 1.46
C ILE A 211 -7.43 -13.78 2.65
N LEU A 212 -7.54 -12.61 3.28
CA LEU A 212 -8.47 -12.44 4.39
C LEU A 212 -9.91 -12.73 3.93
N ASP A 213 -10.29 -12.16 2.79
CA ASP A 213 -11.65 -12.32 2.29
C ASP A 213 -11.95 -13.79 1.99
N TRP A 214 -11.03 -14.47 1.32
CA TRP A 214 -11.20 -15.89 1.04
C TRP A 214 -11.30 -16.72 2.34
N THR A 215 -10.45 -16.41 3.30
CA THR A 215 -10.44 -17.12 4.58
C THR A 215 -11.73 -16.93 5.37
N SER A 216 -12.24 -15.69 5.39
CA SER A 216 -13.47 -15.39 6.11
C SER A 216 -14.67 -16.01 5.41
N PHE A 217 -14.63 -16.02 4.08
CA PHE A 217 -15.71 -16.59 3.28
C PHE A 217 -15.82 -18.11 3.45
N ASN A 218 -14.69 -18.75 3.67
CA ASN A 218 -14.61 -20.21 3.76
C ASN A 218 -14.44 -20.71 5.20
N GLN A 219 -14.63 -19.84 6.18
CA GLN A 219 -14.25 -20.18 7.55
C GLN A 219 -15.05 -21.34 8.15
N GLU A 220 -16.30 -21.48 7.72
CA GLU A 220 -17.18 -22.56 8.18
C GLU A 220 -16.55 -23.94 7.97
N ARG A 221 -15.65 -24.06 6.98
CA ARG A 221 -15.07 -25.36 6.68
C ARG A 221 -13.56 -25.50 6.90
N ILE A 222 -12.87 -24.43 7.25
CA ILE A 222 -11.43 -24.54 7.52
C ILE A 222 -11.02 -24.23 8.96
N VAL A 223 -11.83 -23.48 9.70
CA VAL A 223 -11.42 -23.02 11.03
C VAL A 223 -11.33 -24.14 12.06
N ASP A 224 -12.36 -24.97 12.13
CA ASP A 224 -12.44 -25.98 13.19
C ASP A 224 -11.46 -27.15 13.02
N VAL A 225 -10.95 -27.37 11.80
CA VAL A 225 -9.98 -28.45 11.57
C VAL A 225 -8.55 -28.08 12.03
N ALA A 226 -8.27 -26.79 12.16
CA ALA A 226 -6.95 -26.34 12.59
C ALA A 226 -6.70 -26.65 14.07
N GLY A 227 -5.46 -26.95 14.40
CA GLY A 227 -5.08 -27.32 15.75
C GLY A 227 -3.66 -27.81 15.79
N PRO A 228 -3.12 -28.07 16.99
CA PRO A 228 -1.74 -28.56 17.09
C PRO A 228 -1.46 -29.70 16.12
N GLY A 229 -0.42 -29.55 15.32
CA GLY A 229 -0.04 -30.56 14.30
C GLY A 229 -0.64 -30.37 12.90
N GLY A 230 -1.56 -29.43 12.74
CA GLY A 230 -2.23 -29.18 11.45
C GLY A 230 -2.81 -27.79 11.35
N TRP A 231 -2.20 -26.93 10.53
CA TRP A 231 -2.61 -25.53 10.44
C TRP A 231 -2.97 -25.13 9.02
N ASN A 232 -3.91 -24.18 8.90
CA ASN A 232 -4.19 -23.53 7.64
C ASN A 232 -3.05 -22.56 7.33
N ASP A 233 -2.60 -22.55 6.08
CA ASP A 233 -1.50 -21.70 5.67
C ASP A 233 -1.98 -20.67 4.65
N PRO A 234 -2.14 -19.41 5.11
CA PRO A 234 -2.49 -18.30 4.22
C PRO A 234 -1.29 -17.66 3.52
N ASP A 235 -0.14 -18.33 3.57
CA ASP A 235 1.09 -17.92 2.88
C ASP A 235 1.98 -16.92 3.68
N MET A 236 3.12 -16.57 3.09
CA MET A 236 4.21 -15.87 3.78
C MET A 236 3.86 -14.48 4.31
N LEU A 237 4.54 -14.08 5.37
CA LEU A 237 4.53 -12.70 5.81
C LEU A 237 5.42 -11.89 4.88
N VAL A 238 4.92 -10.76 4.39
CA VAL A 238 5.70 -9.92 3.48
C VAL A 238 6.05 -8.59 4.13
N ILE A 239 5.88 -8.51 5.45
CA ILE A 239 6.30 -7.35 6.21
C ILE A 239 7.82 -7.21 6.06
N GLY A 240 8.27 -5.98 5.86
CA GLY A 240 9.69 -5.71 5.64
C GLY A 240 10.05 -5.38 4.21
N ASN A 241 9.10 -5.55 3.28
CA ASN A 241 9.38 -5.33 1.86
C ASN A 241 8.94 -3.93 1.38
N PHE A 242 8.18 -3.85 0.29
CA PHE A 242 8.03 -2.60 -0.44
C PHE A 242 6.60 -2.11 -0.67
N GLY A 243 5.64 -3.03 -0.68
CA GLY A 243 4.29 -2.73 -1.18
C GLY A 243 3.20 -2.47 -0.16
N LEU A 244 3.47 -2.79 1.11
CA LEU A 244 2.53 -2.55 2.19
C LEU A 244 2.92 -1.31 2.95
N SER A 245 1.92 -0.49 3.28
CA SER A 245 2.12 0.59 4.24
C SER A 245 2.27 0.02 5.64
N TRP A 246 2.78 0.85 6.55
CA TRP A 246 2.88 0.48 7.97
C TRP A 246 1.59 -0.15 8.50
N ASN A 247 0.46 0.49 8.22
CA ASN A 247 -0.82 -0.02 8.70
C ASN A 247 -1.22 -1.36 8.08
N GLN A 248 -0.89 -1.54 6.81
CA GLN A 248 -1.17 -2.80 6.13
C GLN A 248 -0.26 -3.92 6.66
N GLN A 249 0.97 -3.54 7.01
CA GLN A 249 1.89 -4.48 7.65
C GLN A 249 1.35 -4.92 9.00
N VAL A 250 0.84 -3.95 9.77
CA VAL A 250 0.21 -4.22 11.06
C VAL A 250 -0.99 -5.17 10.89
N THR A 251 -1.79 -4.93 9.86
CA THR A 251 -2.93 -5.79 9.60
C THR A 251 -2.48 -7.22 9.34
N GLN A 252 -1.42 -7.38 8.54
CA GLN A 252 -0.95 -8.74 8.27
C GLN A 252 -0.49 -9.43 9.53
N MET A 253 0.33 -8.75 10.34
CA MET A 253 0.83 -9.37 11.57
C MET A 253 -0.31 -9.74 12.52
N ALA A 254 -1.24 -8.83 12.72
CA ALA A 254 -2.38 -9.07 13.60
C ALA A 254 -3.19 -10.28 13.14
N LEU A 255 -3.52 -10.31 11.87
CA LEU A 255 -4.45 -11.31 11.38
C LEU A 255 -3.81 -12.69 11.24
N TRP A 256 -2.51 -12.72 10.97
CA TRP A 256 -1.79 -13.98 10.92
C TRP A 256 -1.70 -14.61 12.32
N ALA A 257 -1.70 -13.78 13.36
CA ALA A 257 -1.75 -14.25 14.74
C ALA A 257 -3.14 -14.80 15.03
N ILE A 258 -4.15 -13.99 14.71
CA ILE A 258 -5.53 -14.39 14.87
C ILE A 258 -5.81 -15.72 14.14
N MET A 259 -5.24 -15.87 12.95
CA MET A 259 -5.53 -17.04 12.10
C MET A 259 -4.76 -18.32 12.47
N ALA A 260 -3.89 -18.25 13.49
CA ALA A 260 -3.03 -19.38 13.86
C ALA A 260 -2.26 -19.85 12.63
N ALA A 261 -1.73 -18.89 11.88
CA ALA A 261 -1.02 -19.16 10.64
C ALA A 261 0.42 -19.47 10.94
N PRO A 262 1.03 -20.32 10.10
CA PRO A 262 2.49 -20.40 10.13
C PRO A 262 3.07 -19.03 9.80
N LEU A 263 4.19 -18.69 10.42
CA LEU A 263 4.81 -17.39 10.21
C LEU A 263 6.12 -17.56 9.48
N PHE A 264 6.05 -17.60 8.16
CA PHE A 264 7.24 -17.62 7.31
C PHE A 264 7.47 -16.24 6.71
N MET A 265 8.48 -15.54 7.23
CA MET A 265 8.88 -14.27 6.65
C MET A 265 9.45 -14.53 5.26
N SER A 266 9.10 -13.67 4.32
CA SER A 266 9.82 -13.63 3.05
C SER A 266 10.24 -12.20 2.81
N ASN A 267 11.49 -11.92 3.16
CA ASN A 267 12.05 -10.58 3.09
C ASN A 267 13.57 -10.68 3.04
N ASP A 268 14.25 -9.54 3.07
CA ASP A 268 15.70 -9.49 3.11
C ASP A 268 16.16 -9.00 4.47
N LEU A 269 16.61 -9.93 5.30
CA LEU A 269 17.07 -9.61 6.66
C LEU A 269 18.33 -8.73 6.70
N ARG A 270 18.99 -8.55 5.56
CA ARG A 270 20.14 -7.66 5.46
C ARG A 270 19.72 -6.20 5.33
N HIS A 271 18.53 -5.96 4.80
CA HIS A 271 18.01 -4.61 4.61
C HIS A 271 16.54 -4.56 5.03
N ILE A 272 16.31 -4.33 6.31
CA ILE A 272 14.97 -4.32 6.87
C ILE A 272 14.87 -3.23 7.93
N SER A 273 13.81 -2.42 7.84
CA SER A 273 13.68 -1.26 8.70
C SER A 273 13.50 -1.65 10.16
N PRO A 274 13.94 -0.78 11.09
CA PRO A 274 13.75 -1.06 12.50
C PRO A 274 12.27 -1.22 12.86
N GLN A 275 11.41 -0.43 12.21
CA GLN A 275 9.96 -0.50 12.40
C GLN A 275 9.44 -1.91 12.10
N ALA A 276 9.84 -2.46 10.96
CA ALA A 276 9.38 -3.77 10.51
C ALA A 276 9.93 -4.91 11.37
N LYS A 277 11.20 -4.80 11.74
CA LYS A 277 11.85 -5.75 12.63
C LYS A 277 11.11 -5.86 13.96
N ALA A 278 10.77 -4.72 14.55
CA ALA A 278 10.06 -4.68 15.83
C ALA A 278 8.66 -5.29 15.74
N LEU A 279 7.96 -5.05 14.64
CA LEU A 279 6.65 -5.63 14.41
C LEU A 279 6.76 -7.14 14.24
N LEU A 280 7.72 -7.58 13.43
CA LEU A 280 7.93 -9.01 13.20
C LEU A 280 8.44 -9.75 14.44
N GLN A 281 9.09 -9.02 15.36
CA GLN A 281 9.63 -9.62 16.57
C GLN A 281 8.78 -9.31 17.80
N ASP A 282 7.59 -8.74 17.60
CA ASP A 282 6.73 -8.34 18.72
C ASP A 282 6.36 -9.56 19.60
N LYS A 283 6.87 -9.55 20.82
CA LYS A 283 6.74 -10.70 21.71
C LYS A 283 5.28 -11.08 21.96
N ASP A 284 4.47 -10.07 22.28
CA ASP A 284 3.07 -10.29 22.64
C ASP A 284 2.24 -10.83 21.49
N VAL A 285 2.51 -10.36 20.28
CA VAL A 285 1.74 -10.77 19.12
C VAL A 285 2.15 -12.17 18.68
N ILE A 286 3.45 -12.46 18.72
CA ILE A 286 3.95 -13.83 18.46
C ILE A 286 3.35 -14.81 19.47
N ALA A 287 3.27 -14.38 20.73
CA ALA A 287 2.69 -15.21 21.80
C ALA A 287 1.23 -15.57 21.53
N ILE A 288 0.48 -14.67 20.89
CA ILE A 288 -0.88 -14.96 20.44
C ILE A 288 -0.84 -16.02 19.33
N ASN A 289 -0.10 -15.76 18.27
CA ASN A 289 0.06 -16.75 17.20
C ASN A 289 0.45 -18.13 17.74
N GLN A 290 1.34 -18.14 18.72
CA GLN A 290 1.90 -19.38 19.26
C GLN A 290 1.09 -19.99 20.40
N ASP A 291 -0.09 -19.46 20.68
CA ASP A 291 -0.84 -19.86 21.85
C ASP A 291 -1.04 -21.39 21.88
N PRO A 292 -0.63 -22.06 22.98
CA PRO A 292 -0.59 -23.53 23.03
C PRO A 292 -1.93 -24.24 22.76
N LEU A 293 -3.03 -23.53 22.96
CA LEU A 293 -4.35 -24.13 22.73
C LEU A 293 -4.51 -24.51 21.27
N GLY A 294 -4.01 -23.65 20.38
CA GLY A 294 -3.95 -23.93 18.98
C GLY A 294 -5.27 -23.85 18.25
N LYS A 295 -6.17 -23.01 18.75
CA LYS A 295 -7.48 -22.84 18.14
C LYS A 295 -7.50 -21.62 17.25
N GLN A 296 -7.83 -21.84 15.97
CA GLN A 296 -7.80 -20.77 14.97
C GLN A 296 -8.93 -19.79 15.20
N GLY A 297 -8.64 -18.51 14.98
CA GLY A 297 -9.63 -17.46 15.11
C GLY A 297 -10.52 -17.39 13.89
N TYR A 298 -11.47 -16.48 13.92
CA TYR A 298 -12.47 -16.39 12.86
C TYR A 298 -13.01 -14.98 12.79
N GLN A 299 -13.71 -14.67 11.71
CA GLN A 299 -14.41 -13.41 11.60
C GLN A 299 -15.71 -13.45 12.40
N LEU A 300 -15.83 -12.54 13.36
CA LEU A 300 -17.07 -12.37 14.13
C LEU A 300 -18.08 -11.54 13.33
N ARG A 301 -17.62 -10.40 12.81
CA ARG A 301 -18.49 -9.41 12.18
C ARG A 301 -17.91 -8.80 10.93
N GLN A 302 -18.79 -8.27 10.11
CA GLN A 302 -18.41 -7.60 8.89
C GLN A 302 -19.55 -6.65 8.56
N GLY A 303 -19.21 -5.37 8.37
CA GLY A 303 -20.21 -4.37 8.05
C GLY A 303 -19.64 -2.96 8.14
N ASP A 304 -20.22 -2.05 7.38
CA ASP A 304 -19.79 -0.65 7.36
C ASP A 304 -18.28 -0.54 7.14
N ASN A 305 -17.74 -1.40 6.28
CA ASN A 305 -16.32 -1.45 5.99
C ASN A 305 -15.43 -1.62 7.23
N PHE A 306 -15.97 -2.34 8.21
CA PHE A 306 -15.21 -2.80 9.35
C PHE A 306 -15.34 -4.30 9.39
N GLU A 307 -14.30 -4.96 9.90
CA GLU A 307 -14.35 -6.38 10.21
C GLU A 307 -13.92 -6.54 11.67
N VAL A 308 -14.55 -7.46 12.38
CA VAL A 308 -14.06 -7.87 13.70
C VAL A 308 -13.75 -9.34 13.67
N TRP A 309 -12.52 -9.67 14.05
CA TRP A 309 -12.07 -11.05 14.13
C TRP A 309 -11.70 -11.32 15.59
N GLU A 310 -11.79 -12.58 15.99
CA GLU A 310 -11.40 -12.94 17.34
C GLU A 310 -10.84 -14.35 17.41
N ARG A 311 -10.01 -14.59 18.43
CA ARG A 311 -9.39 -15.90 18.64
C ARG A 311 -9.39 -16.25 20.13
N PRO A 312 -9.90 -17.44 20.48
CA PRO A 312 -9.83 -17.86 21.86
C PRO A 312 -8.43 -18.36 22.20
N LEU A 313 -7.94 -17.98 23.38
CA LEU A 313 -6.62 -18.35 23.85
C LEU A 313 -6.75 -19.16 25.14
N SER A 314 -5.63 -19.70 25.60
CA SER A 314 -5.61 -20.47 26.85
C SER A 314 -5.94 -19.57 28.04
N GLY A 315 -6.42 -20.22 29.11
CA GLY A 315 -6.74 -19.54 30.35
C GLY A 315 -7.79 -18.46 30.22
N LEU A 316 -8.80 -18.73 29.39
CA LEU A 316 -9.96 -17.86 29.28
C LEU A 316 -9.63 -16.50 28.67
N ALA A 317 -8.51 -16.40 27.95
CA ALA A 317 -8.13 -15.14 27.31
C ALA A 317 -8.53 -15.20 25.86
N TRP A 318 -8.74 -14.02 25.27
CA TRP A 318 -9.09 -13.89 23.87
C TRP A 318 -8.24 -12.80 23.22
N ALA A 319 -8.02 -12.93 21.91
CA ALA A 319 -7.48 -11.85 21.10
C ALA A 319 -8.63 -11.34 20.22
N VAL A 320 -8.73 -10.02 20.06
CA VAL A 320 -9.71 -9.40 19.18
C VAL A 320 -8.98 -8.44 18.25
N ALA A 321 -9.30 -8.54 16.96
CA ALA A 321 -8.70 -7.73 15.92
C ALA A 321 -9.82 -7.00 15.18
N MET A 322 -9.67 -5.68 15.05
CA MET A 322 -10.66 -4.86 14.35
C MET A 322 -10.00 -4.19 13.13
N ILE A 323 -10.48 -4.50 11.94
CA ILE A 323 -9.93 -3.96 10.69
C ILE A 323 -10.82 -2.85 10.12
N ASN A 324 -10.20 -1.81 9.59
CA ASN A 324 -10.91 -0.77 8.85
C ASN A 324 -10.60 -0.93 7.37
N ARG A 325 -11.58 -1.38 6.61
CA ARG A 325 -11.39 -1.71 5.19
C ARG A 325 -11.65 -0.53 4.23
N GLN A 326 -12.12 0.60 4.79
CA GLN A 326 -12.34 1.83 4.03
C GLN A 326 -11.02 2.50 3.69
N GLU A 327 -10.73 2.63 2.40
CA GLU A 327 -9.42 3.07 1.95
C GLU A 327 -9.43 4.54 1.53
N ILE A 328 -10.19 5.34 2.29
CA ILE A 328 -10.29 6.77 2.08
C ILE A 328 -10.61 7.42 3.43
N GLY A 329 -10.15 8.65 3.64
CA GLY A 329 -10.42 9.36 4.88
C GLY A 329 -9.37 9.13 5.96
N GLY A 330 -9.81 9.21 7.21
CA GLY A 330 -8.92 9.12 8.36
C GLY A 330 -9.37 8.07 9.35
N PRO A 331 -8.77 8.03 10.55
CA PRO A 331 -9.11 7.01 11.54
C PRO A 331 -10.60 7.01 11.84
N ARG A 332 -11.21 5.83 11.74
CA ARG A 332 -12.66 5.72 11.93
C ARG A 332 -13.02 5.07 13.25
N SER A 333 -14.04 5.62 13.89
CA SER A 333 -14.48 5.14 15.18
C SER A 333 -15.28 3.85 15.03
N TYR A 334 -14.99 2.88 15.90
CA TYR A 334 -15.75 1.64 15.95
C TYR A 334 -16.03 1.26 17.40
N THR A 335 -17.26 0.86 17.68
CA THR A 335 -17.65 0.50 19.04
C THR A 335 -18.40 -0.82 19.08
N ILE A 336 -18.14 -1.61 20.13
CA ILE A 336 -18.78 -2.90 20.30
C ILE A 336 -18.97 -3.24 21.77
N ALA A 337 -20.12 -3.82 22.10
CA ALA A 337 -20.37 -4.28 23.46
C ALA A 337 -19.43 -5.43 23.76
N VAL A 338 -18.66 -5.32 24.83
CA VAL A 338 -17.69 -6.38 25.18
C VAL A 338 -18.38 -7.72 25.47
N ALA A 339 -19.68 -7.69 25.75
CA ALA A 339 -20.46 -8.93 25.93
C ALA A 339 -20.65 -9.70 24.61
N SER A 340 -20.49 -9.02 23.48
CA SER A 340 -20.54 -9.67 22.17
C SER A 340 -19.22 -10.35 21.81
N LEU A 341 -18.16 -10.04 22.56
CA LEU A 341 -16.84 -10.61 22.31
C LEU A 341 -16.61 -11.89 23.08
N GLY A 342 -15.81 -12.77 22.51
CA GLY A 342 -15.43 -14.01 23.17
C GLY A 342 -16.61 -14.83 23.61
N LYS A 343 -17.61 -14.93 22.72
CA LYS A 343 -18.82 -15.73 22.95
C LYS A 343 -19.58 -15.40 24.24
N GLY A 344 -19.38 -14.19 24.77
CA GLY A 344 -20.02 -13.76 26.00
C GLY A 344 -19.32 -14.17 27.28
N VAL A 345 -18.17 -14.82 27.16
CA VAL A 345 -17.43 -15.26 28.37
C VAL A 345 -16.09 -14.55 28.61
N ALA A 346 -15.58 -13.81 27.63
CA ALA A 346 -14.32 -13.10 27.82
C ALA A 346 -14.41 -12.09 28.96
N CYS A 347 -15.46 -11.27 28.95
CA CYS A 347 -15.56 -10.19 29.91
C CYS A 347 -16.73 -10.37 30.87
N ASN A 348 -16.94 -11.61 31.30
CA ASN A 348 -17.93 -11.95 32.31
C ASN A 348 -17.22 -12.52 33.53
N PRO A 349 -17.34 -11.85 34.70
CA PRO A 349 -18.06 -10.60 34.93
C PRO A 349 -17.31 -9.38 34.40
N ALA A 350 -16.02 -9.55 34.13
CA ALA A 350 -15.18 -8.46 33.64
C ALA A 350 -13.94 -9.00 32.96
N CYS A 351 -13.27 -8.12 32.19
CA CYS A 351 -11.97 -8.44 31.61
C CYS A 351 -11.03 -7.25 31.69
N PHE A 352 -9.74 -7.52 31.63
CA PHE A 352 -8.76 -6.46 31.44
C PHE A 352 -8.30 -6.51 29.99
N ILE A 353 -8.35 -5.35 29.33
CA ILE A 353 -8.07 -5.27 27.90
C ILE A 353 -6.79 -4.50 27.67
N THR A 354 -5.85 -5.14 26.99
CA THR A 354 -4.59 -4.51 26.60
C THR A 354 -4.56 -4.43 25.09
N GLN A 355 -4.48 -3.22 24.54
CA GLN A 355 -4.22 -3.07 23.12
C GLN A 355 -2.77 -3.46 22.87
N LEU A 356 -2.54 -4.23 21.82
CA LEU A 356 -1.20 -4.67 21.44
C LEU A 356 -0.68 -3.97 20.18
N LEU A 357 -1.56 -3.80 19.18
CA LEU A 357 -1.23 -3.11 17.93
C LEU A 357 -2.29 -2.05 17.66
N PRO A 358 -1.93 -0.95 16.99
CA PRO A 358 -0.63 -0.62 16.38
C PRO A 358 0.46 -0.25 17.39
N VAL A 359 0.05 0.18 18.60
CA VAL A 359 0.98 0.40 19.71
C VAL A 359 0.44 -0.32 20.94
N LYS A 360 1.32 -0.61 21.90
CA LYS A 360 0.90 -1.28 23.13
C LYS A 360 0.38 -0.30 24.19
N ARG A 361 -0.83 -0.56 24.67
CA ARG A 361 -1.43 0.29 25.71
C ARG A 361 -2.44 -0.48 26.56
N LYS A 362 -2.26 -0.43 27.88
CA LYS A 362 -3.27 -0.93 28.82
C LYS A 362 -4.50 -0.04 28.69
N LEU A 363 -5.64 -0.64 28.37
CA LEU A 363 -6.90 0.11 28.28
C LEU A 363 -7.70 0.12 29.58
N GLY A 364 -7.51 -0.88 30.43
CA GLY A 364 -8.17 -0.91 31.76
C GLY A 364 -9.19 -2.01 31.92
N PHE A 365 -9.96 -1.95 33.01
CA PHE A 365 -10.99 -2.95 33.29
C PHE A 365 -12.28 -2.61 32.57
N TYR A 366 -12.91 -3.63 31.98
CA TYR A 366 -14.20 -3.51 31.30
C TYR A 366 -15.21 -4.45 31.95
N GLU A 367 -16.34 -3.89 32.37
CA GLU A 367 -17.43 -4.67 32.95
C GLU A 367 -18.17 -5.42 31.83
N TRP A 368 -18.88 -6.47 32.20
CA TRP A 368 -19.71 -7.21 31.23
C TRP A 368 -20.73 -6.30 30.50
N THR A 369 -21.11 -5.19 31.15
CA THR A 369 -22.00 -4.20 30.56
C THR A 369 -21.30 -3.22 29.61
N SER A 370 -19.97 -3.24 29.56
CA SER A 370 -19.20 -2.17 28.92
C SER A 370 -19.19 -2.23 27.40
N ARG A 371 -18.67 -1.16 26.80
CA ARG A 371 -18.49 -1.07 25.35
C ARG A 371 -17.05 -0.63 25.04
N LEU A 372 -16.42 -1.35 24.12
CA LEU A 372 -15.08 -1.04 23.66
C LEU A 372 -15.20 -0.01 22.53
N ARG A 373 -14.57 1.15 22.72
CA ARG A 373 -14.53 2.21 21.72
C ARG A 373 -13.11 2.29 21.21
N SER A 374 -12.96 2.28 19.89
CA SER A 374 -11.63 2.27 19.30
C SER A 374 -11.63 3.06 17.99
N HIS A 375 -10.51 3.66 17.67
CA HIS A 375 -10.31 4.34 16.40
C HIS A 375 -9.30 3.56 15.56
N ILE A 376 -9.66 3.26 14.32
CA ILE A 376 -8.86 2.36 13.48
C ILE A 376 -8.46 3.05 12.16
N ASN A 377 -7.16 3.12 11.91
CA ASN A 377 -6.64 3.71 10.68
C ASN A 377 -7.10 2.94 9.43
N PRO A 378 -7.34 3.66 8.33
CA PRO A 378 -7.66 3.02 7.05
C PRO A 378 -6.62 1.99 6.65
N THR A 379 -7.10 0.78 6.35
CA THR A 379 -6.28 -0.41 6.06
C THR A 379 -5.48 -0.89 7.26
N GLY A 380 -5.77 -0.34 8.43
CA GLY A 380 -5.12 -0.75 9.66
C GLY A 380 -5.98 -1.69 10.49
N THR A 381 -5.34 -2.30 11.48
CA THR A 381 -6.00 -3.19 12.42
C THR A 381 -5.60 -2.79 13.83
N VAL A 382 -6.57 -2.78 14.74
CA VAL A 382 -6.29 -2.67 16.17
C VAL A 382 -6.40 -4.08 16.75
N LEU A 383 -5.38 -4.49 17.51
CA LEU A 383 -5.33 -5.82 18.11
C LEU A 383 -5.32 -5.69 19.61
N LEU A 384 -6.24 -6.40 20.27
CA LEU A 384 -6.40 -6.32 21.71
C LEU A 384 -6.31 -7.72 22.32
N GLN A 385 -5.87 -7.77 23.58
CA GLN A 385 -5.92 -9.00 24.37
C GLN A 385 -6.87 -8.81 25.54
N LEU A 386 -7.83 -9.71 25.66
CA LEU A 386 -8.83 -9.66 26.73
C LEU A 386 -8.48 -10.74 27.75
N GLU A 387 -8.25 -10.31 28.99
CA GLU A 387 -7.91 -11.19 30.12
C GLU A 387 -9.13 -11.24 31.03
N ASN A 388 -9.77 -12.40 31.18
CA ASN A 388 -10.93 -12.51 32.08
C ASN A 388 -10.51 -12.38 33.56
N THR A 389 -11.19 -11.51 34.32
CA THR A 389 -10.83 -11.21 35.73
C THR A 389 -11.12 -12.34 36.71
N MET A 390 -12.25 -13.03 36.50
CA MET A 390 -12.68 -14.19 37.32
C MET A 390 -12.66 -13.93 38.82
N LEU B 1 -6.42 29.65 -18.44
CA LEU B 1 -7.19 30.89 -18.10
C LEU B 1 -6.22 32.05 -17.98
N ASP B 2 -6.46 33.10 -18.77
CA ASP B 2 -5.58 34.26 -18.85
C ASP B 2 -5.89 35.26 -17.71
N ASN B 3 -5.70 34.85 -16.46
CA ASN B 3 -5.93 35.76 -15.32
C ASN B 3 -4.66 36.11 -14.53
N GLY B 4 -3.49 35.72 -15.04
CA GLY B 4 -2.23 35.98 -14.36
C GLY B 4 -1.95 35.10 -13.15
N LEU B 5 -2.83 34.13 -12.88
CA LEU B 5 -2.66 33.21 -11.76
C LEU B 5 -2.25 31.83 -12.25
N ALA B 6 -1.81 30.99 -11.32
CA ALA B 6 -1.37 29.63 -11.61
C ALA B 6 -0.38 29.62 -12.77
N ARG B 7 0.62 30.49 -12.70
CA ARG B 7 1.68 30.51 -13.71
C ARG B 7 2.60 29.30 -13.49
N THR B 8 2.58 28.76 -12.28
CA THR B 8 3.13 27.44 -12.00
C THR B 8 1.97 26.67 -11.36
N PRO B 9 2.08 25.34 -11.27
CA PRO B 9 0.97 24.61 -10.64
C PRO B 9 0.72 25.05 -9.21
N THR B 10 -0.54 25.32 -8.89
CA THR B 10 -0.93 25.75 -7.56
C THR B 10 -0.56 24.74 -6.49
N MET B 11 -0.02 25.22 -5.39
CA MET B 11 0.39 24.37 -4.28
C MET B 11 -0.37 24.76 -3.02
N GLY B 12 -0.83 23.75 -2.27
CA GLY B 12 -1.54 23.98 -1.03
C GLY B 12 -2.08 22.74 -0.35
N TRP B 13 -3.12 22.93 0.46
CA TRP B 13 -3.72 21.88 1.27
C TRP B 13 -5.25 21.90 1.12
N LEU B 14 -5.84 20.73 0.90
CA LEU B 14 -7.28 20.59 0.69
C LEU B 14 -7.81 19.44 1.55
N HIS B 15 -8.93 19.66 2.22
CA HIS B 15 -9.32 18.80 3.34
C HIS B 15 -9.94 17.47 2.94
N TRP B 16 -10.38 17.35 1.70
CA TRP B 16 -11.35 16.31 1.35
C TRP B 16 -10.93 14.88 1.59
N GLU B 17 -9.80 14.46 1.05
CA GLU B 17 -9.47 13.03 1.08
C GLU B 17 -9.32 12.52 2.51
N ARG B 18 -8.74 13.35 3.38
CA ARG B 18 -8.44 12.92 4.75
C ARG B 18 -9.60 13.16 5.73
N PHE B 19 -10.35 14.25 5.52
CA PHE B 19 -11.42 14.64 6.47
C PHE B 19 -12.84 14.51 5.92
N MET B 20 -12.98 14.46 4.60
CA MET B 20 -14.27 14.21 3.93
C MET B 20 -15.40 15.11 4.46
N CYS B 21 -16.57 14.54 4.73
CA CYS B 21 -17.75 15.30 5.15
C CYS B 21 -18.16 14.95 6.57
N ASN B 22 -17.19 14.95 7.48
CA ASN B 22 -17.44 14.69 8.89
C ASN B 22 -18.12 15.90 9.53
N LEU B 23 -19.40 15.77 9.87
CA LEU B 23 -20.19 16.83 10.49
C LEU B 23 -20.36 16.63 11.99
N ASP B 24 -19.79 15.54 12.51
CA ASP B 24 -19.97 15.15 13.90
C ASP B 24 -18.93 15.81 14.80
N CYS B 25 -19.13 17.10 15.07
CA CYS B 25 -18.22 17.82 15.98
C CYS B 25 -18.41 17.41 17.46
N GLN B 26 -19.49 16.68 17.76
CA GLN B 26 -19.68 16.11 19.09
C GLN B 26 -18.79 14.88 19.33
N GLU B 27 -19.00 13.82 18.55
CA GLU B 27 -18.24 12.58 18.72
C GLU B 27 -16.88 12.56 18.01
N GLU B 28 -16.69 13.42 17.00
CA GLU B 28 -15.46 13.43 16.22
C GLU B 28 -14.89 14.84 16.06
N PRO B 29 -14.65 15.55 17.17
CA PRO B 29 -14.24 16.96 17.13
C PRO B 29 -12.95 17.23 16.37
N ASP B 30 -12.01 16.29 16.42
CA ASP B 30 -10.69 16.49 15.80
C ASP B 30 -10.70 16.30 14.29
N SER B 31 -11.73 15.66 13.76
CA SER B 31 -11.83 15.40 12.32
C SER B 31 -13.03 16.08 11.65
N CYS B 32 -13.87 16.76 12.43
CA CYS B 32 -15.04 17.41 11.85
C CYS B 32 -14.62 18.68 11.12
N ILE B 33 -15.38 19.02 10.08
CA ILE B 33 -15.09 20.16 9.22
C ILE B 33 -15.52 21.43 9.94
N SER B 34 -14.53 22.14 10.51
CA SER B 34 -14.80 23.31 11.34
C SER B 34 -13.78 24.41 11.13
N GLU B 35 -14.14 25.63 11.51
CA GLU B 35 -13.19 26.74 11.49
C GLU B 35 -11.95 26.41 12.33
N LYS B 36 -12.14 25.72 13.45
CA LYS B 36 -11.01 25.38 14.31
C LYS B 36 -9.98 24.51 13.59
N LEU B 37 -10.47 23.55 12.80
CA LEU B 37 -9.60 22.68 12.02
C LEU B 37 -8.75 23.50 11.05
N PHE B 38 -9.40 24.38 10.29
CA PHE B 38 -8.71 25.19 9.31
C PHE B 38 -7.76 26.21 9.95
N MET B 39 -8.14 26.74 11.11
N MET B 39 -8.14 26.74 11.11
CA MET B 39 -7.27 27.64 11.87
CA MET B 39 -7.27 27.63 11.87
C MET B 39 -5.98 26.92 12.28
C MET B 39 -5.99 26.93 12.28
N GLU B 40 -6.13 25.73 12.86
CA GLU B 40 -4.99 24.97 13.33
C GLU B 40 -4.10 24.54 12.18
N MET B 41 -4.73 24.10 11.08
CA MET B 41 -4.01 23.67 9.90
C MET B 41 -3.21 24.84 9.29
N ALA B 42 -3.78 26.04 9.33
CA ALA B 42 -3.09 27.27 8.92
C ALA B 42 -1.82 27.50 9.74
N GLU B 43 -1.96 27.46 11.06
CA GLU B 43 -0.84 27.63 11.99
C GLU B 43 0.31 26.66 11.65
N LEU B 44 -0.03 25.40 11.46
CA LEU B 44 0.98 24.38 11.18
C LEU B 44 1.64 24.58 9.82
N MET B 45 0.87 25.05 8.83
CA MET B 45 1.44 25.38 7.53
C MET B 45 2.58 26.41 7.65
N VAL B 46 2.44 27.35 8.59
CA VAL B 46 3.48 28.34 8.84
C VAL B 46 4.62 27.75 9.66
N SER B 47 4.29 27.22 10.83
CA SER B 47 5.32 26.81 11.81
C SER B 47 6.12 25.58 11.41
N GLU B 48 5.58 24.74 10.53
CA GLU B 48 6.26 23.49 10.16
C GLU B 48 6.89 23.47 8.75
N GLY B 49 7.03 24.64 8.13
CA GLY B 49 7.82 24.78 6.90
C GLY B 49 7.06 24.66 5.59
N TRP B 50 5.76 24.49 5.64
CA TRP B 50 4.98 24.24 4.44
C TRP B 50 4.92 25.48 3.55
N LYS B 51 4.61 26.62 4.13
CA LYS B 51 4.56 27.88 3.39
C LYS B 51 5.91 28.18 2.71
N ASP B 52 7.01 27.95 3.42
CA ASP B 52 8.35 28.16 2.86
C ASP B 52 8.64 27.21 1.69
N ALA B 53 8.10 26.00 1.74
CA ALA B 53 8.30 25.02 0.68
C ALA B 53 7.50 25.35 -0.58
N GLY B 54 6.45 26.14 -0.43
CA GLY B 54 5.60 26.54 -1.56
C GLY B 54 4.10 26.36 -1.34
N TYR B 55 3.72 25.61 -0.30
CA TYR B 55 2.30 25.32 -0.06
C TYR B 55 1.60 26.55 0.52
N GLU B 56 0.87 27.24 -0.35
CA GLU B 56 0.38 28.60 -0.11
C GLU B 56 -1.14 28.67 0.12
N TYR B 57 -1.89 27.84 -0.58
CA TYR B 57 -3.36 27.89 -0.53
C TYR B 57 -3.95 26.87 0.47
N LEU B 58 -4.66 27.39 1.47
CA LEU B 58 -5.38 26.58 2.44
C LEU B 58 -6.84 26.52 1.99
N CYS B 59 -7.27 25.35 1.53
CA CYS B 59 -8.54 25.23 0.82
C CYS B 59 -9.58 24.40 1.54
N ILE B 60 -10.81 24.92 1.58
CA ILE B 60 -11.94 24.21 2.13
C ILE B 60 -12.66 23.51 0.98
N ASP B 61 -12.95 22.23 1.15
CA ASP B 61 -13.70 21.46 0.14
C ASP B 61 -15.18 21.50 0.50
N ASP B 62 -15.94 20.46 0.13
CA ASP B 62 -17.40 20.40 0.41
C ASP B 62 -17.70 20.35 1.92
N CYS B 63 -18.97 20.62 2.27
CA CYS B 63 -19.52 20.48 3.63
C CYS B 63 -19.10 21.60 4.58
N TRP B 64 -19.02 22.81 4.06
CA TRP B 64 -18.76 24.01 4.87
C TRP B 64 -20.01 24.88 5.01
N MET B 65 -21.00 24.63 4.16
CA MET B 65 -22.19 25.48 4.07
C MET B 65 -23.26 25.16 5.11
N ALA B 66 -24.08 26.17 5.43
CA ALA B 66 -25.34 25.97 6.13
C ALA B 66 -26.33 25.34 5.17
N PRO B 67 -27.33 24.58 5.68
CA PRO B 67 -28.26 23.89 4.78
C PRO B 67 -29.04 24.80 3.84
N GLN B 68 -29.38 26.01 4.31
CA GLN B 68 -30.11 27.00 3.52
C GLN B 68 -29.18 28.18 3.17
N ARG B 69 -29.56 28.93 2.15
CA ARG B 69 -29.05 30.29 1.93
C ARG B 69 -29.74 31.23 2.91
N ASP B 70 -29.20 32.44 3.07
CA ASP B 70 -29.77 33.42 4.00
C ASP B 70 -31.02 34.11 3.42
N SER B 71 -31.49 35.17 4.10
CA SER B 71 -32.65 35.93 3.64
C SER B 71 -32.40 36.75 2.36
N GLU B 72 -31.13 36.90 1.97
CA GLU B 72 -30.77 37.62 0.74
C GLU B 72 -30.37 36.68 -0.41
N GLY B 73 -30.51 35.37 -0.20
CA GLY B 73 -30.12 34.38 -1.20
C GLY B 73 -28.61 34.20 -1.35
N ARG B 74 -27.84 34.65 -0.37
CA ARG B 74 -26.40 34.46 -0.37
C ARG B 74 -26.05 33.16 0.37
N LEU B 75 -24.96 32.50 -0.04
CA LEU B 75 -24.46 31.32 0.66
C LEU B 75 -23.98 31.71 2.06
N GLN B 76 -24.14 30.83 3.04
CA GLN B 76 -23.53 31.02 4.37
C GLN B 76 -22.71 29.82 4.81
N ALA B 77 -21.74 30.09 5.67
CA ALA B 77 -21.07 29.06 6.44
C ALA B 77 -22.02 28.55 7.51
N ASP B 78 -21.95 27.26 7.80
CA ASP B 78 -22.73 26.65 8.87
C ASP B 78 -22.47 27.40 10.19
N PRO B 79 -23.54 27.78 10.91
CA PRO B 79 -23.34 28.58 12.12
C PRO B 79 -22.80 27.80 13.34
N GLN B 80 -22.98 26.48 13.38
CA GLN B 80 -22.44 25.67 14.49
C GLN B 80 -20.94 25.44 14.37
N ARG B 81 -20.49 25.10 13.16
CA ARG B 81 -19.11 24.67 12.92
C ARG B 81 -18.19 25.81 12.46
N PHE B 82 -18.78 26.85 11.87
CA PHE B 82 -18.06 28.05 11.45
C PHE B 82 -18.68 29.32 12.02
N PRO B 83 -18.82 29.41 13.37
CA PRO B 83 -19.53 30.55 13.95
C PRO B 83 -19.01 31.93 13.51
N HIS B 84 -17.72 32.06 13.27
CA HIS B 84 -17.14 33.35 12.93
C HIS B 84 -17.14 33.65 11.43
N GLY B 85 -17.71 32.75 10.63
CA GLY B 85 -17.91 33.01 9.20
C GLY B 85 -16.64 32.95 8.36
N ILE B 86 -16.81 33.02 7.04
CA ILE B 86 -15.69 32.86 6.10
C ILE B 86 -14.81 34.11 6.01
N ARG B 87 -15.43 35.29 6.08
CA ARG B 87 -14.70 36.56 6.02
C ARG B 87 -13.61 36.62 7.10
N GLN B 88 -13.98 36.33 8.34
CA GLN B 88 -13.01 36.32 9.45
C GLN B 88 -11.98 35.20 9.34
N LEU B 89 -12.39 34.03 8.84
CA LEU B 89 -11.43 32.95 8.60
C LEU B 89 -10.43 33.38 7.52
N ALA B 90 -10.94 34.08 6.51
CA ALA B 90 -10.09 34.64 5.46
C ALA B 90 -9.06 35.64 6.00
N ASN B 91 -9.43 36.43 7.00
CA ASN B 91 -8.50 37.39 7.63
C ASN B 91 -7.41 36.66 8.38
N TYR B 92 -7.81 35.61 9.09
CA TYR B 92 -6.89 34.78 9.85
C TYR B 92 -5.85 34.13 8.96
N VAL B 93 -6.28 33.64 7.80
CA VAL B 93 -5.39 32.98 6.84
C VAL B 93 -4.43 33.97 6.17
N HIS B 94 -4.92 35.16 5.82
CA HIS B 94 -4.07 36.18 5.19
C HIS B 94 -3.06 36.76 6.16
N SER B 95 -3.40 36.83 7.44
CA SER B 95 -2.49 37.39 8.45
C SER B 95 -1.30 36.46 8.64
N LYS B 96 -1.47 35.17 8.32
CA LYS B 96 -0.37 34.19 8.34
C LYS B 96 0.41 34.14 7.03
N GLY B 97 0.03 34.97 6.05
CA GLY B 97 0.69 35.00 4.75
C GLY B 97 0.18 33.97 3.74
N LEU B 98 -0.92 33.30 4.08
CA LEU B 98 -1.49 32.24 3.25
C LEU B 98 -2.70 32.77 2.48
N LYS B 99 -3.26 31.92 1.62
CA LYS B 99 -4.42 32.27 0.80
C LYS B 99 -5.52 31.25 1.06
N LEU B 100 -6.78 31.63 0.84
CA LEU B 100 -7.91 30.77 1.18
C LEU B 100 -8.69 30.27 -0.04
N GLY B 101 -8.91 28.97 -0.07
CA GLY B 101 -9.74 28.34 -1.08
C GLY B 101 -11.08 27.91 -0.49
N ILE B 102 -12.14 28.05 -1.27
CA ILE B 102 -13.46 27.57 -0.90
C ILE B 102 -14.01 26.71 -2.03
N TYR B 103 -15.16 26.09 -1.81
CA TYR B 103 -15.72 25.09 -2.71
C TYR B 103 -17.16 25.42 -3.05
N ALA B 104 -17.58 25.07 -4.27
CA ALA B 104 -18.96 25.29 -4.72
C ALA B 104 -19.29 24.34 -5.87
N ASP B 105 -20.56 24.29 -6.27
CA ASP B 105 -21.00 23.32 -7.27
C ASP B 105 -21.85 23.97 -8.36
N VAL B 106 -21.62 23.53 -9.59
CA VAL B 106 -22.33 24.06 -10.76
C VAL B 106 -23.83 23.79 -10.70
N GLY B 107 -24.21 22.68 -10.07
CA GLY B 107 -25.60 22.21 -10.07
C GLY B 107 -26.52 22.86 -9.04
N ASN B 108 -27.66 22.21 -8.79
CA ASN B 108 -28.62 22.66 -7.77
C ASN B 108 -28.12 22.37 -6.35
N LYS B 109 -27.28 21.34 -6.24
CA LYS B 109 -26.71 20.91 -4.96
C LYS B 109 -25.22 20.59 -5.12
N THR B 110 -24.47 20.70 -4.03
CA THR B 110 -23.09 20.19 -3.96
C THR B 110 -23.18 18.68 -3.87
N CYS B 111 -22.07 18.00 -4.15
CA CYS B 111 -22.06 16.54 -4.10
C CYS B 111 -22.53 16.00 -2.74
N ALA B 112 -22.26 16.74 -1.66
CA ALA B 112 -22.66 16.34 -0.31
C ALA B 112 -24.10 16.74 0.08
N GLY B 113 -24.78 17.49 -0.79
CA GLY B 113 -26.21 17.79 -0.60
C GLY B 113 -26.54 19.20 -0.16
N PHE B 114 -25.54 20.08 -0.14
CA PHE B 114 -25.71 21.45 0.32
C PHE B 114 -25.98 22.36 -0.89
N PRO B 115 -26.35 23.64 -0.65
CA PRO B 115 -26.78 24.50 -1.76
C PRO B 115 -25.83 24.60 -2.94
N GLY B 116 -26.32 24.28 -4.13
CA GLY B 116 -25.57 24.44 -5.37
C GLY B 116 -25.63 25.89 -5.81
N SER B 117 -24.90 26.21 -6.88
CA SER B 117 -24.77 27.59 -7.33
C SER B 117 -25.56 27.90 -8.59
N PHE B 118 -26.12 26.86 -9.23
CA PHE B 118 -26.98 27.05 -10.40
C PHE B 118 -28.02 28.13 -10.12
N GLY B 119 -28.05 29.14 -10.99
CA GLY B 119 -28.98 30.25 -10.85
C GLY B 119 -28.54 31.33 -9.87
N TYR B 120 -27.35 31.15 -9.27
CA TYR B 120 -26.79 32.13 -8.35
C TYR B 120 -25.33 32.48 -8.66
N TYR B 121 -24.89 32.18 -9.89
CA TYR B 121 -23.46 32.28 -10.24
C TYR B 121 -22.85 33.65 -9.94
N ASP B 122 -23.54 34.71 -10.37
CA ASP B 122 -23.05 36.08 -10.16
C ASP B 122 -23.11 36.47 -8.68
N ILE B 123 -24.11 35.98 -7.96
CA ILE B 123 -24.27 36.30 -6.54
C ILE B 123 -23.16 35.62 -5.74
N ASP B 124 -22.90 34.35 -6.04
CA ASP B 124 -21.91 33.54 -5.33
C ASP B 124 -20.48 34.02 -5.59
N ALA B 125 -20.18 34.34 -6.84
CA ALA B 125 -18.89 34.89 -7.21
C ALA B 125 -18.58 36.14 -6.38
N GLN B 126 -19.54 37.05 -6.32
CA GLN B 126 -19.38 38.29 -5.58
C GLN B 126 -19.24 38.04 -4.09
N THR B 127 -20.04 37.14 -3.53
CA THR B 127 -19.93 36.80 -2.10
C THR B 127 -18.53 36.28 -1.80
N PHE B 128 -18.02 35.39 -2.65
CA PHE B 128 -16.67 34.86 -2.49
C PHE B 128 -15.62 35.98 -2.55
N ALA B 129 -15.79 36.93 -3.46
CA ALA B 129 -14.86 38.05 -3.57
C ALA B 129 -14.94 38.94 -2.33
N ASP B 130 -16.16 39.22 -1.87
CA ASP B 130 -16.36 40.05 -0.68
C ASP B 130 -15.75 39.40 0.55
N TRP B 131 -15.80 38.07 0.62
CA TRP B 131 -15.23 37.33 1.75
C TRP B 131 -13.70 37.30 1.75
N GLY B 132 -13.09 37.60 0.62
CA GLY B 132 -11.63 37.57 0.51
C GLY B 132 -11.11 36.19 0.14
N VAL B 133 -11.94 35.38 -0.49
CA VAL B 133 -11.54 34.08 -1.01
C VAL B 133 -10.48 34.29 -2.09
N ASP B 134 -9.55 33.35 -2.21
CA ASP B 134 -8.49 33.42 -3.21
C ASP B 134 -8.55 32.29 -4.26
N LEU B 135 -9.31 31.23 -3.98
CA LEU B 135 -9.41 30.09 -4.88
C LEU B 135 -10.79 29.45 -4.79
N LEU B 136 -11.30 28.95 -5.92
CA LEU B 136 -12.58 28.25 -5.94
C LEU B 136 -12.45 26.89 -6.61
N LYS B 137 -12.75 25.84 -5.86
CA LYS B 137 -12.96 24.51 -6.42
C LYS B 137 -14.45 24.40 -6.78
N PHE B 138 -14.73 24.17 -8.05
CA PHE B 138 -16.09 24.18 -8.56
C PHE B 138 -16.47 22.81 -9.13
N ALA B 139 -17.28 22.06 -8.38
CA ALA B 139 -17.61 20.67 -8.73
C ALA B 139 -18.81 20.59 -9.66
N GLY B 140 -19.12 19.37 -10.13
CA GLY B 140 -20.12 19.17 -11.19
C GLY B 140 -21.29 18.26 -10.89
N CYS B 141 -21.51 17.92 -9.62
CA CYS B 141 -22.63 17.04 -9.25
C CYS B 141 -23.98 17.72 -9.45
N TYR B 142 -25.03 16.90 -9.55
CA TYR B 142 -26.41 17.37 -9.72
C TYR B 142 -26.57 18.39 -10.85
N CYS B 143 -25.98 18.04 -11.99
CA CYS B 143 -26.16 18.72 -13.26
C CYS B 143 -26.41 17.61 -14.28
N ASP B 144 -27.64 17.36 -14.71
CA ASP B 144 -27.89 16.22 -15.62
C ASP B 144 -27.82 16.61 -17.10
N SER B 145 -27.66 17.91 -17.38
CA SER B 145 -27.60 18.43 -18.74
C SER B 145 -26.19 18.89 -19.14
N LEU B 146 -25.71 18.38 -20.29
CA LEU B 146 -24.44 18.84 -20.86
C LEU B 146 -24.42 20.35 -21.07
N GLU B 147 -25.46 20.89 -21.69
CA GLU B 147 -25.53 22.33 -21.95
C GLU B 147 -25.40 23.14 -20.67
N ASN B 148 -26.16 22.77 -19.64
CA ASN B 148 -26.08 23.45 -18.36
C ASN B 148 -24.65 23.45 -17.81
N LEU B 149 -24.02 22.26 -17.82
CA LEU B 149 -22.66 22.10 -17.31
C LEU B 149 -21.69 23.09 -17.93
N ALA B 150 -21.59 23.08 -19.25
CA ALA B 150 -20.70 24.00 -19.97
C ALA B 150 -21.07 25.45 -19.68
N ASP B 151 -22.36 25.78 -19.81
CA ASP B 151 -22.85 27.14 -19.52
C ASP B 151 -22.47 27.61 -18.12
N GLY B 152 -22.64 26.74 -17.13
CA GLY B 152 -22.34 27.08 -15.74
C GLY B 152 -20.86 27.35 -15.50
N TYR B 153 -20.02 26.46 -16.00
CA TYR B 153 -18.58 26.63 -15.86
C TYR B 153 -18.10 27.91 -16.53
N LYS B 154 -18.58 28.18 -17.74
CA LYS B 154 -18.24 29.42 -18.44
C LYS B 154 -18.76 30.64 -17.67
N HIS B 155 -20.03 30.59 -17.27
CA HIS B 155 -20.67 31.73 -16.58
C HIS B 155 -19.89 32.10 -15.32
N MET B 156 -19.63 31.11 -14.47
CA MET B 156 -18.91 31.34 -13.21
C MET B 156 -17.51 31.90 -13.45
N SER B 157 -16.85 31.42 -14.49
CA SER B 157 -15.52 31.91 -14.86
C SER B 157 -15.58 33.42 -15.05
N LEU B 158 -16.52 33.85 -15.87
CA LEU B 158 -16.69 35.27 -16.17
C LEU B 158 -17.16 36.02 -14.93
N ALA B 159 -18.01 35.40 -14.13
CA ALA B 159 -18.53 36.03 -12.91
C ALA B 159 -17.43 36.32 -11.90
N LEU B 160 -16.51 35.37 -11.73
CA LEU B 160 -15.32 35.57 -10.89
C LEU B 160 -14.47 36.73 -11.44
N ASN B 161 -14.16 36.67 -12.73
CA ASN B 161 -13.43 37.75 -13.40
C ASN B 161 -14.05 39.14 -13.15
N ARG B 162 -15.38 39.20 -13.20
CA ARG B 162 -16.10 40.48 -13.09
C ARG B 162 -16.04 41.11 -11.69
N THR B 163 -15.73 40.31 -10.66
CA THR B 163 -15.56 40.84 -9.30
C THR B 163 -14.31 41.69 -9.13
N GLY B 164 -13.37 41.58 -10.07
CA GLY B 164 -12.10 42.32 -9.99
C GLY B 164 -11.10 41.72 -9.03
N ARG B 165 -11.46 40.59 -8.43
CA ARG B 165 -10.67 39.93 -7.41
C ARG B 165 -9.90 38.78 -8.07
N SER B 166 -8.63 38.61 -7.71
CA SER B 166 -7.82 37.50 -8.23
C SER B 166 -8.18 36.19 -7.52
N ILE B 167 -8.82 35.29 -8.26
CA ILE B 167 -9.32 34.02 -7.73
C ILE B 167 -8.96 32.86 -8.65
N VAL B 168 -8.08 31.97 -8.17
CA VAL B 168 -7.73 30.75 -8.91
C VAL B 168 -8.98 29.89 -9.09
N TYR B 169 -9.28 29.52 -10.33
CA TYR B 169 -10.53 28.83 -10.64
C TYR B 169 -10.23 27.38 -11.00
N SER B 170 -10.62 26.49 -10.10
CA SER B 170 -10.35 25.06 -10.19
C SER B 170 -11.62 24.34 -10.64
N CYS B 171 -11.60 23.82 -11.87
CA CYS B 171 -12.79 23.24 -12.50
C CYS B 171 -12.81 21.72 -12.45
N GLU B 172 -14.02 21.16 -12.43
CA GLU B 172 -14.18 19.71 -12.62
C GLU B 172 -14.98 19.43 -13.90
N TRP B 173 -14.98 20.42 -14.79
CA TRP B 173 -15.69 20.38 -16.07
C TRP B 173 -15.40 19.09 -16.87
N PRO B 174 -14.12 18.81 -17.21
CA PRO B 174 -13.89 17.63 -18.06
C PRO B 174 -14.33 16.31 -17.44
N LEU B 175 -14.07 16.13 -16.14
CA LEU B 175 -14.47 14.93 -15.42
C LEU B 175 -15.95 14.62 -15.59
N TYR B 176 -16.77 15.66 -15.35
CA TYR B 176 -18.24 15.52 -15.35
C TYR B 176 -18.83 15.63 -16.75
N MET B 177 -17.97 15.87 -17.75
CA MET B 177 -18.35 15.80 -19.15
C MET B 177 -18.12 14.42 -19.78
N TRP B 178 -17.24 13.62 -19.19
CA TRP B 178 -16.92 12.28 -19.72
C TRP B 178 -18.17 11.42 -19.95
N PRO B 179 -19.16 11.50 -19.03
CA PRO B 179 -20.41 10.78 -19.25
C PRO B 179 -21.23 11.20 -20.49
N PHE B 180 -20.96 12.39 -21.06
CA PHE B 180 -21.70 12.87 -22.23
C PHE B 180 -20.86 12.84 -23.51
N GLN B 181 -19.81 13.65 -23.57
CA GLN B 181 -18.89 13.63 -24.71
C GLN B 181 -17.47 14.00 -24.30
N LYS B 182 -16.51 13.57 -25.11
CA LYS B 182 -15.12 13.99 -24.97
C LYS B 182 -15.04 15.50 -24.71
N PRO B 183 -14.19 15.93 -23.77
CA PRO B 183 -14.09 17.37 -23.52
C PRO B 183 -13.19 18.10 -24.54
N ASN B 184 -13.55 19.33 -24.86
CA ASN B 184 -12.72 20.21 -25.69
C ASN B 184 -11.77 20.97 -24.76
N TYR B 185 -10.48 20.63 -24.80
CA TYR B 185 -9.53 21.17 -23.81
C TYR B 185 -9.08 22.60 -24.11
N THR B 186 -9.07 23.00 -25.38
CA THR B 186 -8.78 24.39 -25.73
C THR B 186 -9.80 25.32 -25.06
N GLU B 187 -11.05 24.91 -25.06
CA GLU B 187 -12.13 25.68 -24.45
C GLU B 187 -12.01 25.70 -22.93
N ILE B 188 -11.73 24.54 -22.33
CA ILE B 188 -11.64 24.43 -20.88
C ILE B 188 -10.50 25.31 -20.35
N ARG B 189 -9.34 25.23 -21.00
CA ARG B 189 -8.19 26.09 -20.68
C ARG B 189 -8.53 27.58 -20.76
N GLN B 190 -9.38 27.93 -21.72
CA GLN B 190 -9.81 29.31 -21.90
C GLN B 190 -10.50 29.85 -20.64
N TYR B 191 -11.16 28.96 -19.90
CA TYR B 191 -11.99 29.35 -18.76
C TYR B 191 -11.47 28.94 -17.38
N CYS B 192 -10.51 28.01 -17.30
CA CYS B 192 -10.09 27.41 -16.03
C CYS B 192 -8.58 27.44 -15.81
N ASN B 193 -8.17 27.58 -14.54
CA ASN B 193 -6.74 27.58 -14.15
C ASN B 193 -6.20 26.16 -13.99
N HIS B 194 -7.04 25.26 -13.51
CA HIS B 194 -6.80 23.82 -13.65
C HIS B 194 -8.10 23.04 -13.63
N TRP B 195 -8.01 21.77 -14.03
CA TRP B 195 -9.19 20.96 -14.26
C TRP B 195 -8.98 19.49 -13.91
N ARG B 196 -9.88 18.96 -13.08
CA ARG B 196 -9.91 17.54 -12.76
C ARG B 196 -10.37 16.74 -13.97
N ASN B 197 -9.58 15.74 -14.35
CA ASN B 197 -9.89 14.87 -15.49
C ASN B 197 -10.52 13.54 -15.11
N PHE B 198 -10.23 13.04 -13.91
CA PHE B 198 -10.47 11.64 -13.57
C PHE B 198 -11.03 11.50 -12.14
N ALA B 199 -11.55 10.31 -11.84
CA ALA B 199 -12.23 10.01 -10.57
C ALA B 199 -11.45 10.40 -9.31
N ASP B 200 -12.20 10.69 -8.25
CA ASP B 200 -11.61 11.06 -6.97
C ASP B 200 -10.54 10.07 -6.56
N ILE B 201 -9.40 10.59 -6.13
CA ILE B 201 -8.35 9.77 -5.55
C ILE B 201 -8.81 9.27 -4.18
N ASP B 202 -8.19 8.18 -3.73
CA ASP B 202 -8.29 7.78 -2.32
C ASP B 202 -6.96 7.23 -1.81
N ASP B 203 -6.96 6.72 -0.57
CA ASP B 203 -5.73 6.40 0.12
C ASP B 203 -5.27 4.99 -0.25
N SER B 204 -4.98 4.77 -1.52
CA SER B 204 -4.58 3.44 -2.01
C SER B 204 -3.67 3.51 -3.21
N TRP B 205 -2.78 2.52 -3.30
CA TRP B 205 -1.90 2.33 -4.45
C TRP B 205 -2.71 2.03 -5.72
N LYS B 206 -3.84 1.32 -5.57
CA LYS B 206 -4.74 1.07 -6.70
C LYS B 206 -5.16 2.35 -7.38
N SER B 207 -5.50 3.34 -6.57
CA SER B 207 -6.01 4.60 -7.05
C SER B 207 -4.92 5.36 -7.80
N ILE B 208 -3.70 5.32 -7.28
CA ILE B 208 -2.56 5.97 -7.95
C ILE B 208 -2.36 5.35 -9.33
N LYS B 209 -2.25 4.02 -9.37
CA LYS B 209 -2.09 3.28 -10.62
C LYS B 209 -3.10 3.72 -11.67
N SER B 210 -4.34 3.81 -11.24
CA SER B 210 -5.48 4.08 -12.12
C SER B 210 -5.37 5.49 -12.70
N ILE B 211 -4.93 6.44 -11.89
CA ILE B 211 -4.71 7.80 -12.35
C ILE B 211 -3.56 7.89 -13.35
N LEU B 212 -2.45 7.24 -13.03
CA LEU B 212 -1.31 7.22 -13.96
C LEU B 212 -1.70 6.55 -15.26
N ASP B 213 -2.38 5.40 -15.17
CA ASP B 213 -2.76 4.63 -16.36
C ASP B 213 -3.72 5.43 -17.25
N TRP B 214 -4.74 6.05 -16.64
CA TRP B 214 -5.65 6.91 -17.39
C TRP B 214 -4.89 8.06 -18.08
N THR B 215 -4.01 8.72 -17.32
CA THR B 215 -3.24 9.86 -17.82
C THR B 215 -2.37 9.47 -19.00
N SER B 216 -1.66 8.34 -18.88
CA SER B 216 -0.77 7.87 -19.94
C SER B 216 -1.57 7.43 -21.17
N PHE B 217 -2.72 6.81 -20.93
CA PHE B 217 -3.60 6.36 -22.00
C PHE B 217 -4.16 7.54 -22.81
N ASN B 218 -4.40 8.66 -22.14
CA ASN B 218 -5.04 9.82 -22.74
C ASN B 218 -4.07 10.94 -23.08
N GLN B 219 -2.77 10.68 -23.02
CA GLN B 219 -1.78 11.76 -23.02
C GLN B 219 -1.72 12.61 -24.30
N GLU B 220 -2.01 12.02 -25.47
CA GLU B 220 -2.09 12.80 -26.70
C GLU B 220 -3.21 13.84 -26.67
N ARG B 221 -4.22 13.62 -25.82
CA ARG B 221 -5.35 14.56 -25.70
C ARG B 221 -5.07 15.69 -24.71
N ILE B 222 -4.28 15.42 -23.66
CA ILE B 222 -4.22 16.33 -22.52
C ILE B 222 -2.85 16.97 -22.24
N VAL B 223 -1.77 16.37 -22.73
CA VAL B 223 -0.42 16.83 -22.37
C VAL B 223 -0.08 18.20 -22.95
N ASP B 224 -0.31 18.38 -24.25
CA ASP B 224 0.11 19.60 -24.95
C ASP B 224 -0.70 20.86 -24.59
N VAL B 225 -1.91 20.68 -24.05
CA VAL B 225 -2.75 21.82 -23.65
C VAL B 225 -2.33 22.43 -22.30
N ALA B 226 -1.59 21.66 -21.51
CA ALA B 226 -1.10 22.15 -20.22
C ALA B 226 0.01 23.19 -20.39
N GLY B 227 0.02 24.17 -19.48
CA GLY B 227 0.98 25.27 -19.55
C GLY B 227 0.62 26.34 -18.53
N PRO B 228 1.49 27.35 -18.36
CA PRO B 228 1.21 28.39 -17.39
C PRO B 228 -0.23 28.92 -17.50
N GLY B 229 -0.94 28.92 -16.39
CA GLY B 229 -2.34 29.38 -16.34
C GLY B 229 -3.40 28.31 -16.54
N GLY B 230 -3.00 27.08 -16.90
CA GLY B 230 -3.94 25.99 -17.18
C GLY B 230 -3.29 24.63 -17.05
N TRP B 231 -3.65 23.88 -16.00
CA TRP B 231 -2.99 22.60 -15.73
C TRP B 231 -3.99 21.47 -15.66
N ASN B 232 -3.55 20.27 -16.01
CA ASN B 232 -4.31 19.06 -15.75
C ASN B 232 -4.21 18.74 -14.25
N ASP B 233 -5.34 18.34 -13.66
CA ASP B 233 -5.39 18.02 -12.25
C ASP B 233 -5.71 16.53 -12.06
N PRO B 234 -4.69 15.73 -11.70
CA PRO B 234 -4.87 14.33 -11.35
C PRO B 234 -5.26 14.10 -9.88
N ASP B 235 -5.67 15.17 -9.18
CA ASP B 235 -6.19 15.12 -7.81
C ASP B 235 -5.09 15.16 -6.72
N MET B 236 -5.54 15.17 -5.46
CA MET B 236 -4.71 15.47 -4.29
C MET B 236 -3.54 14.52 -4.07
N LEU B 237 -2.49 15.03 -3.43
CA LEU B 237 -1.43 14.20 -2.89
C LEU B 237 -1.92 13.59 -1.58
N VAL B 238 -1.74 12.29 -1.43
CA VAL B 238 -2.20 11.58 -0.23
C VAL B 238 -1.02 11.04 0.58
N ILE B 239 0.17 11.52 0.26
CA ILE B 239 1.35 11.23 1.03
C ILE B 239 1.11 11.77 2.43
N GLY B 240 1.51 10.99 3.43
CA GLY B 240 1.31 11.36 4.83
C GLY B 240 0.19 10.63 5.53
N ASN B 241 -0.59 9.85 4.78
CA ASN B 241 -1.74 9.15 5.35
C ASN B 241 -1.43 7.68 5.68
N PHE B 242 -2.26 6.74 5.22
CA PHE B 242 -2.27 5.38 5.76
C PHE B 242 -2.10 4.24 4.76
N GLY B 243 -2.44 4.48 3.49
CA GLY B 243 -2.63 3.39 2.53
C GLY B 243 -1.52 3.15 1.52
N LEU B 244 -0.59 4.11 1.42
CA LEU B 244 0.55 4.00 0.54
C LEU B 244 1.79 3.61 1.33
N SER B 245 2.57 2.68 0.78
CA SER B 245 3.90 2.40 1.31
C SER B 245 4.84 3.56 0.95
N TRP B 246 5.98 3.61 1.61
CA TRP B 246 7.01 4.61 1.30
C TRP B 246 7.29 4.72 -0.20
N ASN B 247 7.45 3.59 -0.87
CA ASN B 247 7.76 3.59 -2.30
C ASN B 247 6.62 4.11 -3.15
N GLN B 248 5.38 3.80 -2.74
CA GLN B 248 4.19 4.28 -3.43
C GLN B 248 4.04 5.80 -3.23
N GLN B 249 4.41 6.26 -2.04
CA GLN B 249 4.43 7.69 -1.76
C GLN B 249 5.47 8.41 -2.64
N VAL B 250 6.65 7.79 -2.78
CA VAL B 250 7.68 8.32 -3.68
C VAL B 250 7.20 8.37 -5.12
N THR B 251 6.51 7.31 -5.55
CA THR B 251 5.97 7.30 -6.90
C THR B 251 5.00 8.46 -7.09
N GLN B 252 4.12 8.70 -6.13
CA GLN B 252 3.16 9.80 -6.29
C GLN B 252 3.87 11.14 -6.39
N MET B 253 4.82 11.40 -5.50
CA MET B 253 5.53 12.69 -5.53
C MET B 253 6.25 12.85 -6.86
N ALA B 254 7.00 11.84 -7.26
CA ALA B 254 7.76 11.90 -8.52
C ALA B 254 6.86 12.23 -9.68
N LEU B 255 5.76 11.49 -9.82
CA LEU B 255 4.94 11.57 -11.02
C LEU B 255 4.09 12.83 -11.04
N TRP B 256 3.70 13.32 -9.88
CA TRP B 256 2.97 14.58 -9.81
C TRP B 256 3.87 15.73 -10.26
N ALA B 257 5.16 15.62 -10.01
CA ALA B 257 6.14 16.61 -10.49
C ALA B 257 6.29 16.50 -11.99
N ILE B 258 6.48 15.27 -12.47
CA ILE B 258 6.56 14.98 -13.91
C ILE B 258 5.31 15.49 -14.63
N MET B 259 4.14 15.32 -14.01
CA MET B 259 2.87 15.66 -14.67
C MET B 259 2.48 17.14 -14.61
N ALA B 260 3.33 17.99 -14.02
CA ALA B 260 3.01 19.40 -13.84
C ALA B 260 1.64 19.55 -13.18
N ALA B 261 1.41 18.72 -12.16
CA ALA B 261 0.15 18.68 -11.46
C ALA B 261 0.10 19.75 -10.38
N PRO B 262 -1.10 20.28 -10.10
CA PRO B 262 -1.25 21.01 -8.86
C PRO B 262 -0.90 20.11 -7.68
N LEU B 263 -0.31 20.68 -6.64
CA LEU B 263 0.08 19.92 -5.47
C LEU B 263 -0.78 20.35 -4.28
N PHE B 264 -1.93 19.68 -4.14
CA PHE B 264 -2.80 19.87 -2.99
C PHE B 264 -2.68 18.68 -2.06
N MET B 265 -1.98 18.86 -0.94
CA MET B 265 -1.90 17.84 0.07
C MET B 265 -3.28 17.64 0.66
N SER B 266 -3.66 16.39 0.92
CA SER B 266 -4.80 16.10 1.75
C SER B 266 -4.34 15.12 2.80
N ASN B 267 -4.04 15.64 3.98
CA ASN B 267 -3.51 14.87 5.08
C ASN B 267 -3.77 15.64 6.38
N ASP B 268 -3.24 15.14 7.49
CA ASP B 268 -3.31 15.82 8.78
C ASP B 268 -1.92 16.29 9.18
N LEU B 269 -1.68 17.60 9.04
CA LEU B 269 -0.39 18.20 9.36
C LEU B 269 -0.05 18.15 10.85
N ARG B 270 -1.02 17.82 11.70
CA ARG B 270 -0.78 17.65 13.13
C ARG B 270 -0.13 16.29 13.46
N HIS B 271 -0.36 15.30 12.59
CA HIS B 271 0.17 13.95 12.78
C HIS B 271 0.68 13.43 11.44
N ILE B 272 1.94 13.73 11.15
CA ILE B 272 2.54 13.34 9.89
C ILE B 272 4.00 12.99 10.14
N SER B 273 4.43 11.87 9.58
CA SER B 273 5.76 11.33 9.86
C SER B 273 6.87 12.22 9.28
N PRO B 274 8.04 12.25 9.94
CA PRO B 274 9.17 13.01 9.42
C PRO B 274 9.55 12.61 7.99
N GLN B 275 9.44 11.31 7.71
CA GLN B 275 9.73 10.76 6.37
C GLN B 275 8.82 11.43 5.32
N ALA B 276 7.52 11.48 5.60
CA ALA B 276 6.53 12.04 4.66
C ALA B 276 6.66 13.55 4.49
N LYS B 277 6.93 14.23 5.60
CA LYS B 277 7.17 15.67 5.60
C LYS B 277 8.33 16.02 4.68
N ALA B 278 9.44 15.30 4.81
CA ALA B 278 10.63 15.55 4.02
C ALA B 278 10.42 15.30 2.53
N LEU B 279 9.62 14.28 2.20
CA LEU B 279 9.26 14.00 0.82
C LEU B 279 8.37 15.10 0.26
N LEU B 280 7.37 15.49 1.04
CA LEU B 280 6.44 16.53 0.60
C LEU B 280 7.12 17.89 0.50
N GLN B 281 8.19 18.09 1.27
CA GLN B 281 8.90 19.37 1.29
C GLN B 281 10.23 19.31 0.50
N ASP B 282 10.44 18.24 -0.26
CA ASP B 282 11.67 18.07 -1.01
C ASP B 282 11.87 19.20 -2.02
N LYS B 283 12.79 20.11 -1.71
CA LYS B 283 13.03 21.30 -2.55
C LYS B 283 13.28 20.98 -4.03
N ASP B 284 14.13 19.99 -4.32
CA ASP B 284 14.48 19.65 -5.71
C ASP B 284 13.30 19.11 -6.52
N VAL B 285 12.44 18.33 -5.88
CA VAL B 285 11.31 17.70 -6.56
C VAL B 285 10.19 18.71 -6.76
N ILE B 286 9.98 19.58 -5.76
CA ILE B 286 9.06 20.71 -5.91
C ILE B 286 9.53 21.64 -7.04
N ALA B 287 10.83 21.87 -7.13
CA ALA B 287 11.41 22.71 -8.18
C ALA B 287 11.11 22.16 -9.58
N ILE B 288 11.08 20.83 -9.71
CA ILE B 288 10.67 20.22 -10.96
C ILE B 288 9.20 20.52 -11.23
N ASN B 289 8.33 20.18 -10.30
CA ASN B 289 6.90 20.47 -10.43
C ASN B 289 6.67 21.94 -10.79
N GLN B 290 7.43 22.84 -10.17
CA GLN B 290 7.24 24.28 -10.34
C GLN B 290 8.04 24.90 -11.49
N ASP B 291 8.62 24.07 -12.35
CA ASP B 291 9.51 24.58 -13.39
C ASP B 291 8.81 25.63 -14.26
N PRO B 292 9.42 26.83 -14.40
CA PRO B 292 8.74 27.96 -15.07
C PRO B 292 8.38 27.71 -16.55
N LEU B 293 9.11 26.81 -17.22
CA LEU B 293 8.86 26.44 -18.62
C LEU B 293 7.46 25.85 -18.81
N GLY B 294 6.98 25.12 -17.80
CA GLY B 294 5.58 24.73 -17.73
C GLY B 294 5.10 23.71 -18.74
N LYS B 295 5.98 22.83 -19.20
CA LYS B 295 5.57 21.76 -20.11
C LYS B 295 5.31 20.48 -19.33
N GLN B 296 4.11 19.94 -19.48
CA GLN B 296 3.74 18.71 -18.80
C GLN B 296 4.50 17.53 -19.40
N GLY B 297 4.90 16.60 -18.53
CA GLY B 297 5.64 15.42 -18.93
C GLY B 297 4.74 14.34 -19.51
N TYR B 298 5.31 13.20 -19.84
CA TYR B 298 4.59 12.14 -20.52
C TYR B 298 5.30 10.80 -20.35
N GLN B 299 4.59 9.73 -20.68
CA GLN B 299 5.19 8.41 -20.68
C GLN B 299 5.99 8.18 -21.95
N LEU B 300 7.28 7.92 -21.78
CA LEU B 300 8.17 7.61 -22.89
C LEU B 300 7.99 6.15 -23.27
N ARG B 301 8.07 5.26 -22.27
CA ARG B 301 8.10 3.83 -22.51
C ARG B 301 7.26 3.05 -21.53
N GLN B 302 6.91 1.84 -21.93
CA GLN B 302 6.15 0.93 -21.11
C GLN B 302 6.42 -0.48 -21.60
N GLY B 303 6.85 -1.35 -20.70
CA GLY B 303 7.17 -2.73 -21.05
C GLY B 303 7.91 -3.44 -19.93
N ASP B 304 7.76 -4.76 -19.90
CA ASP B 304 8.40 -5.61 -18.89
C ASP B 304 8.08 -5.11 -17.46
N ASN B 305 6.82 -4.74 -17.24
CA ASN B 305 6.40 -4.13 -15.98
C ASN B 305 7.25 -2.93 -15.51
N PHE B 306 7.85 -2.21 -16.45
CA PHE B 306 8.54 -0.93 -16.17
C PHE B 306 7.82 0.16 -16.94
N GLU B 307 7.86 1.38 -16.42
CA GLU B 307 7.47 2.56 -17.17
C GLU B 307 8.61 3.57 -17.09
N VAL B 308 8.83 4.30 -18.17
CA VAL B 308 9.72 5.47 -18.15
C VAL B 308 8.92 6.71 -18.53
N TRP B 309 8.94 7.70 -17.66
CA TRP B 309 8.30 8.98 -17.91
C TRP B 309 9.37 10.05 -17.93
N GLU B 310 9.12 11.13 -18.64
CA GLU B 310 10.06 12.24 -18.68
C GLU B 310 9.35 13.58 -18.83
N ARG B 311 10.02 14.63 -18.37
CA ARG B 311 9.49 15.98 -18.48
C ARG B 311 10.62 16.94 -18.88
N PRO B 312 10.38 17.76 -19.90
CA PRO B 312 11.36 18.79 -20.24
C PRO B 312 11.26 19.97 -19.29
N LEU B 313 12.41 20.50 -18.89
CA LEU B 313 12.49 21.63 -17.96
C LEU B 313 13.22 22.77 -18.65
N SER B 314 13.23 23.94 -18.01
CA SER B 314 13.92 25.11 -18.54
C SER B 314 15.40 24.86 -18.63
N GLY B 315 16.05 25.61 -19.53
CA GLY B 315 17.49 25.53 -19.67
C GLY B 315 18.05 24.17 -20.09
N LEU B 316 17.32 23.47 -20.95
CA LEU B 316 17.74 22.18 -21.55
C LEU B 316 17.86 20.99 -20.57
N ALA B 317 17.24 21.12 -19.40
CA ALA B 317 17.22 20.03 -18.44
C ALA B 317 16.01 19.12 -18.70
N TRP B 318 16.05 17.94 -18.09
CA TRP B 318 14.95 17.00 -18.15
C TRP B 318 14.85 16.28 -16.82
N ALA B 319 13.63 15.99 -16.40
CA ALA B 319 13.41 15.07 -15.30
C ALA B 319 13.02 13.74 -15.93
N VAL B 320 13.57 12.65 -15.41
CA VAL B 320 13.22 11.31 -15.85
C VAL B 320 12.78 10.50 -14.64
N ALA B 321 11.65 9.81 -14.77
CA ALA B 321 11.10 8.97 -13.71
C ALA B 321 10.94 7.54 -14.24
N MET B 322 11.49 6.57 -13.52
CA MET B 322 11.40 5.16 -13.90
C MET B 322 10.63 4.37 -12.84
N ILE B 323 9.47 3.82 -13.23
CA ILE B 323 8.61 3.07 -12.31
C ILE B 323 8.78 1.58 -12.49
N ASN B 324 8.76 0.84 -11.38
CA ASN B 324 8.71 -0.63 -11.41
C ASN B 324 7.32 -1.07 -10.99
N ARG B 325 6.53 -1.57 -11.92
CA ARG B 325 5.14 -1.92 -11.68
C ARG B 325 4.94 -3.37 -11.23
N GLN B 326 6.01 -4.15 -11.21
CA GLN B 326 5.98 -5.52 -10.72
C GLN B 326 5.85 -5.52 -9.20
N GLU B 327 4.79 -6.15 -8.69
CA GLU B 327 4.48 -6.09 -7.27
C GLU B 327 4.87 -7.38 -6.54
N ILE B 328 5.98 -7.96 -6.97
CA ILE B 328 6.52 -9.17 -6.36
C ILE B 328 8.04 -9.16 -6.55
N GLY B 329 8.77 -9.73 -5.60
CA GLY B 329 10.23 -9.80 -5.69
C GLY B 329 10.94 -8.61 -5.06
N GLY B 330 12.10 -8.27 -5.62
CA GLY B 330 12.96 -7.23 -5.07
C GLY B 330 13.32 -6.19 -6.11
N PRO B 331 14.28 -5.30 -5.77
CA PRO B 331 14.66 -4.22 -6.69
C PRO B 331 15.06 -4.79 -8.04
N ARG B 332 14.47 -4.25 -9.10
CA ARG B 332 14.74 -4.74 -10.45
C ARG B 332 15.61 -3.80 -11.26
N SER B 333 16.55 -4.39 -11.99
CA SER B 333 17.48 -3.61 -12.79
C SER B 333 16.79 -3.09 -14.04
N TYR B 334 17.03 -1.83 -14.37
CA TYR B 334 16.56 -1.24 -15.62
C TYR B 334 17.67 -0.41 -16.25
N THR B 335 17.84 -0.56 -17.57
CA THR B 335 18.88 0.18 -18.26
C THR B 335 18.35 0.82 -19.56
N ILE B 336 18.83 2.03 -19.84
CA ILE B 336 18.40 2.77 -21.01
C ILE B 336 19.56 3.63 -21.54
N ALA B 337 19.66 3.70 -22.86
CA ALA B 337 20.64 4.58 -23.50
C ALA B 337 20.20 6.02 -23.27
N VAL B 338 21.08 6.82 -22.69
CA VAL B 338 20.75 8.22 -22.39
C VAL B 338 20.37 9.03 -23.64
N ALA B 339 20.79 8.56 -24.81
CA ALA B 339 20.41 9.19 -26.08
C ALA B 339 18.92 9.02 -26.40
N SER B 340 18.26 8.03 -25.79
CA SER B 340 16.81 7.86 -25.92
C SER B 340 16.03 8.82 -25.01
N LEU B 341 16.71 9.43 -24.03
CA LEU B 341 16.07 10.35 -23.12
C LEU B 341 16.10 11.78 -23.62
N GLY B 342 15.10 12.56 -23.23
CA GLY B 342 15.00 13.96 -23.58
C GLY B 342 15.10 14.22 -25.08
N LYS B 343 14.41 13.39 -25.85
CA LYS B 343 14.33 13.52 -27.31
C LYS B 343 15.69 13.56 -28.01
N GLY B 344 16.71 12.98 -27.36
CA GLY B 344 18.07 12.97 -27.91
C GLY B 344 18.88 14.24 -27.64
N VAL B 345 18.27 15.20 -26.94
CA VAL B 345 18.88 16.48 -26.65
C VAL B 345 19.58 16.51 -25.28
N ALA B 346 18.95 15.86 -24.30
CA ALA B 346 19.33 16.03 -22.90
C ALA B 346 20.81 15.81 -22.67
N CYS B 347 21.34 14.73 -23.23
CA CYS B 347 22.73 14.33 -22.96
C CYS B 347 23.61 14.42 -24.20
N ASN B 348 23.35 15.41 -25.05
CA ASN B 348 24.16 15.70 -26.23
C ASN B 348 24.86 17.04 -26.06
N PRO B 349 26.21 17.06 -26.02
CA PRO B 349 27.11 15.91 -26.12
C PRO B 349 27.21 15.12 -24.81
N ALA B 350 26.74 15.72 -23.72
CA ALA B 350 26.75 15.07 -22.42
C ALA B 350 25.73 15.70 -21.47
N CYS B 351 25.44 14.99 -20.38
CA CYS B 351 24.63 15.54 -19.30
C CYS B 351 25.21 15.14 -17.95
N PHE B 352 24.88 15.91 -16.92
CA PHE B 352 25.16 15.51 -15.55
C PHE B 352 23.84 15.06 -14.94
N ILE B 353 23.84 13.86 -14.37
CA ILE B 353 22.63 13.23 -13.86
C ILE B 353 22.67 13.18 -12.33
N THR B 354 21.65 13.76 -11.70
CA THR B 354 21.50 13.70 -10.25
C THR B 354 20.24 12.91 -9.92
N GLN B 355 20.39 11.82 -9.17
CA GLN B 355 19.24 11.10 -8.64
C GLN B 355 18.61 11.95 -7.54
N LEU B 356 17.29 12.13 -7.59
CA LEU B 356 16.58 12.89 -6.57
C LEU B 356 15.77 12.01 -5.63
N LEU B 357 15.11 10.99 -6.18
CA LEU B 357 14.33 10.03 -5.39
C LEU B 357 14.74 8.62 -5.78
N PRO B 358 14.67 7.65 -4.85
CA PRO B 358 14.17 7.74 -3.47
C PRO B 358 15.10 8.45 -2.50
N VAL B 359 16.40 8.53 -2.84
CA VAL B 359 17.37 9.33 -2.10
C VAL B 359 18.13 10.21 -3.09
N LYS B 360 18.74 11.30 -2.60
CA LYS B 360 19.50 12.21 -3.46
C LYS B 360 20.94 11.76 -3.63
N ARG B 361 21.36 11.58 -4.88
CA ARG B 361 22.73 11.17 -5.17
C ARG B 361 23.20 11.68 -6.53
N LYS B 362 24.37 12.31 -6.54
CA LYS B 362 25.02 12.72 -7.77
C LYS B 362 25.56 11.49 -8.47
N LEU B 363 25.06 11.21 -9.68
CA LEU B 363 25.46 10.01 -10.44
C LEU B 363 26.67 10.24 -11.36
N GLY B 364 26.89 11.48 -11.78
CA GLY B 364 28.09 11.84 -12.56
C GLY B 364 27.79 12.25 -14.00
N PHE B 365 28.85 12.37 -14.80
CA PHE B 365 28.72 12.76 -16.22
C PHE B 365 28.43 11.56 -17.11
N TYR B 366 27.48 11.74 -18.01
CA TYR B 366 27.08 10.71 -18.97
C TYR B 366 27.27 11.24 -20.38
N GLU B 367 28.04 10.50 -21.17
CA GLU B 367 28.27 10.85 -22.59
C GLU B 367 27.01 10.53 -23.38
N TRP B 368 26.86 11.17 -24.55
CA TRP B 368 25.74 10.88 -25.43
C TRP B 368 25.60 9.41 -25.80
N THR B 369 26.71 8.69 -25.85
CA THR B 369 26.68 7.29 -26.28
C THR B 369 26.49 6.31 -25.13
N SER B 370 26.38 6.81 -23.90
CA SER B 370 26.46 5.95 -22.71
C SER B 370 25.10 5.50 -22.18
N ARG B 371 25.15 4.54 -21.24
CA ARG B 371 23.95 3.91 -20.70
C ARG B 371 23.78 4.20 -19.22
N LEU B 372 22.54 4.54 -18.83
CA LEU B 372 22.18 4.74 -17.45
C LEU B 372 21.62 3.44 -16.89
N ARG B 373 22.24 2.92 -15.83
CA ARG B 373 21.80 1.68 -15.20
C ARG B 373 21.24 1.98 -13.81
N SER B 374 20.03 1.51 -13.52
CA SER B 374 19.34 1.84 -12.27
C SER B 374 18.61 0.63 -11.72
N HIS B 375 18.46 0.57 -10.39
CA HIS B 375 17.67 -0.45 -9.72
C HIS B 375 16.46 0.22 -9.10
N ILE B 376 15.28 -0.36 -9.32
CA ILE B 376 14.03 0.26 -8.87
C ILE B 376 13.21 -0.70 -8.01
N ASN B 377 12.87 -0.26 -6.81
CA ASN B 377 12.04 -1.04 -5.89
C ASN B 377 10.63 -1.28 -6.46
N PRO B 378 10.05 -2.46 -6.15
CA PRO B 378 8.67 -2.75 -6.53
C PRO B 378 7.69 -1.67 -6.03
N THR B 379 6.90 -1.15 -6.97
CA THR B 379 5.95 -0.04 -6.75
C THR B 379 6.67 1.28 -6.43
N GLY B 380 7.98 1.30 -6.61
CA GLY B 380 8.77 2.50 -6.41
C GLY B 380 9.11 3.19 -7.72
N THR B 381 9.61 4.41 -7.59
CA THR B 381 10.06 5.21 -8.71
C THR B 381 11.44 5.80 -8.41
N VAL B 382 12.34 5.74 -9.38
CA VAL B 382 13.59 6.48 -9.33
C VAL B 382 13.40 7.76 -10.15
N LEU B 383 13.72 8.90 -9.55
CA LEU B 383 13.58 10.20 -10.22
C LEU B 383 14.95 10.82 -10.38
N LEU B 384 15.28 11.19 -11.61
CA LEU B 384 16.58 11.74 -11.94
C LEU B 384 16.38 13.07 -12.60
N GLN B 385 17.38 13.94 -12.46
CA GLN B 385 17.43 15.17 -13.20
C GLN B 385 18.64 15.13 -14.11
N LEU B 386 18.44 15.52 -15.36
CA LEU B 386 19.49 15.54 -16.37
C LEU B 386 19.80 17.00 -16.71
N GLU B 387 21.05 17.39 -16.50
CA GLU B 387 21.54 18.75 -16.77
C GLU B 387 22.44 18.66 -18.01
N ASN B 388 22.03 19.29 -19.11
CA ASN B 388 22.86 19.29 -20.32
C ASN B 388 24.12 20.13 -20.13
N THR B 389 25.26 19.58 -20.51
CA THR B 389 26.52 20.25 -20.27
C THR B 389 27.53 19.88 -21.34
N MET B 390 28.67 20.57 -21.33
CA MET B 390 29.75 20.33 -22.26
C MET B 390 30.91 19.56 -21.60
N GLN B 391 30.89 19.50 -20.27
CA GLN B 391 31.96 18.88 -19.50
C GLN B 391 31.76 17.36 -19.44
C1 NAG C . 5.19 -41.69 12.06
C2 NAG C . 5.85 -40.76 13.09
C3 NAG C . 5.48 -41.05 14.55
C4 NAG C . 4.01 -41.38 14.73
C5 NAG C . 3.60 -42.42 13.68
C6 NAG C . 2.13 -42.81 13.80
C7 NAG C . 7.93 -39.82 12.22
C8 NAG C . 9.44 -39.94 12.14
N2 NAG C . 7.29 -40.76 12.94
O3 NAG C . 5.79 -39.91 15.32
O4 NAG C . 3.75 -41.83 16.05
O5 NAG C . 3.83 -41.91 12.37
O6 NAG C . 1.31 -41.68 13.59
O7 NAG C . 7.34 -38.92 11.64
C1 NAG C . 3.13 -40.83 16.91
C2 NAG C . 2.38 -41.53 18.04
C3 NAG C . 1.82 -40.51 19.02
C4 NAG C . 2.93 -39.61 19.54
C5 NAG C . 3.57 -38.94 18.31
C6 NAG C . 4.64 -37.93 18.68
C7 NAG C . 1.27 -43.63 17.33
C8 NAG C . -0.01 -44.21 16.81
N2 NAG C . 1.26 -42.30 17.53
O3 NAG C . 1.16 -41.13 20.11
O4 NAG C . 2.32 -38.67 20.39
O5 NAG C . 4.09 -39.94 17.44
O6 NAG C . 5.80 -38.56 19.17
O7 NAG C . 2.24 -44.36 17.53
C1 BMA C . 2.77 -38.69 21.76
C2 BMA C . 2.30 -37.38 22.36
C3 BMA C . 2.86 -37.21 23.77
C4 BMA C . 2.45 -38.42 24.62
C5 BMA C . 2.76 -39.75 23.92
C6 BMA C . 2.23 -40.95 24.72
O2 BMA C . 0.87 -37.37 22.38
O3 BMA C . 2.40 -35.98 24.35
O4 BMA C . 3.12 -38.33 25.88
O5 BMA C . 2.26 -39.77 22.56
O6 BMA C . 0.96 -41.39 24.24
C1 NAG D . -10.34 39.06 -16.52
C2 NAG D . -9.04 38.82 -15.79
C3 NAG D . -8.04 39.84 -16.33
C4 NAG D . -7.82 39.48 -17.80
C5 NAG D . -9.17 39.48 -18.54
C6 NAG D . -9.09 39.00 -19.97
C7 NAG D . -9.54 39.83 -13.59
C8 NAG D . -9.58 39.59 -12.10
N2 NAG D . -9.15 38.80 -14.33
O3 NAG D . -6.85 39.85 -15.59
O4 NAG D . -6.91 40.40 -18.39
O5 NAG D . -10.12 38.68 -17.86
O6 NAG D . -8.64 37.66 -20.02
O7 NAG D . -9.84 40.93 -14.04
C1 NAG D . -5.66 39.80 -18.83
C2 NAG D . -5.13 40.64 -19.99
C3 NAG D . -3.71 40.32 -20.40
C4 NAG D . -2.81 40.21 -19.18
C5 NAG D . -3.43 39.27 -18.15
C6 NAG D . -2.57 39.12 -16.89
C7 NAG D . -6.72 41.50 -21.65
C8 NAG D . -7.54 41.19 -22.87
N2 NAG D . -5.98 40.50 -21.17
O3 NAG D . -3.22 41.35 -21.22
O4 NAG D . -1.53 39.74 -19.60
O5 NAG D . -4.72 39.74 -17.78
O6 NAG D . -2.97 40.02 -15.89
O7 NAG D . -6.76 42.62 -21.14
C1 BMA D . -0.48 40.66 -19.24
C2 BMA D . 0.76 39.86 -18.84
C3 BMA D . 1.79 40.86 -18.32
C4 BMA D . 2.13 41.85 -19.44
C5 BMA D . 0.84 42.54 -19.89
C6 BMA D . 1.09 43.55 -21.02
O2 BMA D . 1.21 39.12 -19.99
O3 BMA D . 2.98 40.30 -17.70
O4 BMA D . 3.06 42.82 -18.93
O5 BMA D . -0.12 41.56 -20.30
O6 BMA D . 1.44 42.90 -22.24
C1 MAN D . 3.64 39.18 -18.32
C2 MAN D . 3.31 37.92 -17.55
C3 MAN D . 3.85 38.03 -16.13
C4 MAN D . 5.35 38.35 -16.15
C5 MAN D . 5.63 39.54 -17.06
C6 MAN D . 7.14 39.73 -17.24
O2 MAN D . 3.87 36.81 -18.20
O3 MAN D . 3.63 36.81 -15.45
O4 MAN D . 5.79 38.65 -14.84
O5 MAN D . 5.05 39.33 -18.33
O6 MAN D . 7.71 40.15 -16.02
C1 NAG E . 3.79 -37.59 -15.68
C2 NAG E . 2.31 -37.84 -15.36
C3 NAG E . 1.80 -39.19 -15.88
C4 NAG E . 2.25 -39.49 -17.31
C5 NAG E . 3.74 -39.22 -17.45
C6 NAG E . 4.27 -39.50 -18.86
C7 NAG E . 1.56 -36.71 -13.31
C8 NAG E . 1.40 -36.82 -11.82
N2 NAG E . 2.08 -37.77 -13.93
O3 NAG E . 0.39 -39.23 -15.80
O4 NAG E . 1.94 -40.83 -17.65
O5 NAG E . 4.01 -37.88 -17.06
O6 NAG E . 3.84 -38.49 -19.76
O7 NAG E . 1.22 -35.67 -13.89
C1 NAG F . -13.29 -37.41 5.08
C2 NAG F . -14.62 -38.19 5.16
C3 NAG F . -14.74 -38.99 6.47
C4 NAG F . -13.51 -39.87 6.65
C5 NAG F . -12.29 -38.94 6.64
C6 NAG F . -10.98 -39.66 6.95
C7 NAG F . -16.39 -37.14 3.83
C8 NAG F . -17.52 -36.15 3.81
N2 NAG F . -15.74 -37.28 4.98
O3 NAG F . -15.92 -39.76 6.50
O4 NAG F . -13.59 -40.62 7.85
O5 NAG F . -12.22 -38.30 5.38
O6 NAG F . -10.42 -40.23 5.78
O7 NAG F . -16.10 -37.77 2.81
S SO4 G . -23.16 -4.32 19.67
O1 SO4 G . -23.48 -3.29 20.67
O2 SO4 G . -22.66 -5.50 20.35
O3 SO4 G . -22.16 -3.80 18.74
O4 SO4 G . -24.37 -4.66 18.92
O10 2PE H . 2.73 5.40 7.49
C11 2PE H . 2.47 4.50 6.41
C12 2PE H . 3.71 4.35 5.53
O13 2PE H . 4.63 3.40 6.08
C14 2PE H . 5.96 3.53 5.57
C15 2PE H . 6.59 2.15 5.40
O16 2PE H . 6.38 1.68 4.06
O13 2PE I . -14.44 1.34 30.51
C14 2PE I . -13.69 2.56 30.57
C15 2PE I . -12.53 2.40 31.55
O16 2PE I . -11.65 1.35 31.14
C1 DGJ J . 3.92 -22.48 -6.21
C2 DGJ J . 3.82 -22.19 -4.72
O2 DGJ J . 2.45 -22.09 -4.35
C3 DGJ J . 4.60 -20.93 -4.41
O3 DGJ J . 4.46 -20.58 -3.03
C4 DGJ J . 6.07 -21.11 -4.76
O4 DGJ J . 6.63 -22.14 -3.93
C5 DGJ J . 6.23 -21.48 -6.23
N5 DGJ J . 5.31 -22.54 -6.58
C6 DGJ J . 7.65 -21.92 -6.57
O6 DGJ J . 7.79 -22.16 -7.98
C1 NAG K . -32.66 22.58 -10.70
C2 NAG K . -32.31 22.18 -12.13
C3 NAG K . -33.19 22.98 -13.10
C4 NAG K . -34.68 22.86 -12.72
C5 NAG K . -34.91 23.06 -11.22
C6 NAG K . -36.35 22.73 -10.81
C7 NAG K . -30.12 21.66 -13.19
C8 NAG K . -28.68 22.05 -13.28
N2 NAG K . -30.89 22.40 -12.37
O3 NAG K . -33.01 22.55 -14.43
O4 NAG K . -35.41 23.83 -13.44
O5 NAG K . -34.02 22.26 -10.46
O6 NAG K . -36.71 21.42 -11.22
O7 NAG K . -30.53 20.71 -13.85
C1 NAG L . -12.91 23.82 -29.22
C2 NAG L . -13.10 23.67 -30.74
C3 NAG L . -12.61 24.90 -31.51
C4 NAG L . -13.13 26.20 -30.91
C5 NAG L . -12.77 26.20 -29.42
C6 NAG L . -13.22 27.49 -28.71
C7 NAG L . -13.03 21.38 -31.66
C8 NAG L . -12.14 20.26 -32.12
N2 NAG L . -12.41 22.49 -31.22
O3 NAG L . -13.01 24.82 -32.87
O4 NAG L . -12.56 27.31 -31.59
O5 NAG L . -13.39 25.08 -28.80
O6 NAG L . -14.60 27.45 -28.46
O7 NAG L . -14.25 21.24 -31.69
S SO4 M . 17.69 1.55 -25.16
O1 SO4 M . 18.10 2.91 -25.50
O2 SO4 M . 18.86 0.71 -24.91
O3 SO4 M . 16.90 1.00 -26.26
O4 SO4 M . 16.87 1.58 -23.97
S SO4 N . 28.47 2.88 -20.30
O1 SO4 N . 28.05 3.74 -19.19
O2 SO4 N . 28.97 3.72 -21.39
O3 SO4 N . 29.53 1.98 -19.84
O4 SO4 N . 27.35 2.09 -20.77
O13 2PE O . 30.23 6.35 -16.33
C14 2PE O . 28.98 6.82 -15.84
C15 2PE O . 29.19 7.76 -14.64
O16 2PE O . 30.49 8.34 -14.67
C1 DGJ P . -16.49 15.74 -6.12
C2 DGJ P . -15.00 16.03 -6.18
O2 DGJ P . -14.45 15.36 -7.33
C3 DGJ P . -14.28 15.63 -4.89
O3 DGJ P . -12.89 15.96 -4.96
C4 DGJ P . -14.93 16.34 -3.70
O4 DGJ P . -14.78 17.76 -3.87
C5 DGJ P . -16.41 15.96 -3.62
N5 DGJ P . -17.04 16.27 -4.89
C6 DGJ P . -17.12 16.67 -2.48
O6 DGJ P . -18.32 15.98 -2.13
#